data_7EOZ
#
_entry.id   7EOZ
#
_cell.length_a   222.814
_cell.length_b   222.814
_cell.length_c   114.024
_cell.angle_alpha   90.000
_cell.angle_beta   90.000
_cell.angle_gamma   120.000
#
_symmetry.space_group_name_H-M   'P 61'
#
loop_
_entity.id
_entity.type
_entity.pdbx_description
1 polymer 'Fatty acyl-CoA reductase'
2 non-polymer 'NADP NICOTINAMIDE-ADENINE-DINUCLEOTIDE PHOSPHATE'
3 water water
#
_entity_poly.entity_id   1
_entity_poly.type   'polypeptide(L)'
_entity_poly.pdbx_seq_one_letter_code
;EGHAGGIGIAEFLGGKNFLITGGTGFLAKVLIEKILRTNPDVGKIYVLIKAKDGDAALKRLHNEVVDTELFSRLQEIHGK
DYHSFAARKLVPVVGDVREANVGIAPELAGVIADEVDIIVNSAANTTFDERYDVAMDINTVGPFRIMSFAQRFRRLKLFL
QVSTAYVNGQRQGVVLEKPFRLGDTIAKELGSPDSSQHKNTMLDIEAEIKLAFDHRRHGDDSASFSEEMKELGLERAKLH
GWQDTYVFTKAMGEMVINSMRGDIPVVTIRPSVIESTWRDPFPGWMEGNRMMDPVVLYYGKGQLSGFLADPEGVLDVVPA
DMVVNATLASMAKHGRGGAAAAAAAAEGMHVYHVASSTVNPLAFGDLSRFLFQHFTGSPYSDAAGRPIHVPPMRLFDTME
QFASYVETDALLRAGRLAGAGAGAGDERVSQRLRELCAKSVEQTIYLGSIYQPYTFYGGRFDNGNTEALIGEMSEEEKAR
FHFDVRSIEWTDYITNVHIPGLRKHVMKGRGVGGGSGASSSSNASLLAGASV
;
_entity_poly.pdbx_strand_id   A,B
#
# COMPACT_ATOMS: atom_id res chain seq x y z
N GLY A 5 -19.72 22.27 -29.16
CA GLY A 5 -19.73 22.19 -27.67
C GLY A 5 -19.58 20.76 -27.19
N GLY A 6 -20.16 20.42 -26.04
CA GLY A 6 -20.19 19.05 -25.47
C GLY A 6 -18.94 18.70 -24.66
N ILE A 7 -18.48 17.46 -24.77
CA ILE A 7 -17.54 16.77 -23.82
C ILE A 7 -16.48 15.96 -24.58
N GLY A 8 -16.69 15.72 -25.88
CA GLY A 8 -15.66 15.23 -26.82
C GLY A 8 -15.41 13.74 -26.93
N ILE A 9 -16.24 12.91 -26.34
CA ILE A 9 -16.00 11.49 -26.43
C ILE A 9 -15.43 10.81 -27.64
N ALA A 10 -15.90 11.16 -28.82
CA ALA A 10 -15.40 10.51 -30.01
C ALA A 10 -13.97 10.90 -30.25
N GLU A 11 -13.77 12.20 -30.41
CA GLU A 11 -12.46 12.79 -30.68
C GLU A 11 -11.36 12.28 -29.79
N PHE A 12 -11.64 12.27 -28.50
CA PHE A 12 -10.74 11.81 -27.48
C PHE A 12 -9.98 10.54 -27.70
N LEU A 13 -10.66 9.43 -27.95
CA LEU A 13 -9.87 8.24 -28.17
C LEU A 13 -9.48 8.90 -29.46
N GLY A 14 -8.27 9.41 -29.55
CA GLY A 14 -7.82 10.10 -30.74
C GLY A 14 -6.93 8.99 -31.22
N GLY A 15 -5.79 8.85 -30.58
CA GLY A 15 -4.85 7.79 -30.95
C GLY A 15 -4.71 7.80 -29.44
N LYS A 16 -5.02 6.70 -28.80
CA LYS A 16 -4.75 6.57 -27.39
C LYS A 16 -4.54 5.08 -27.30
N ASN A 17 -3.79 4.64 -26.29
CA ASN A 17 -3.60 3.16 -26.17
C ASN A 17 -4.07 2.73 -24.77
N PHE A 18 -4.67 1.55 -24.69
CA PHE A 18 -5.28 1.04 -23.45
C PHE A 18 -4.52 -0.19 -23.00
N LEU A 19 -4.42 -0.35 -21.68
CA LEU A 19 -4.33 -1.70 -21.07
C LEU A 19 -5.69 -1.95 -20.39
N ILE A 20 -6.26 -3.15 -20.55
CA ILE A 20 -7.65 -3.57 -20.15
C ILE A 20 -7.63 -5.03 -19.70
N THR A 21 -8.36 -5.38 -18.64
CA THR A 21 -8.08 -6.61 -17.84
C THR A 21 -9.17 -7.72 -18.03
N GLY A 22 -10.34 -7.36 -18.63
CA GLY A 22 -11.54 -8.17 -18.98
C GLY A 22 -11.43 -8.85 -20.36
N GLY A 23 -10.76 -10.01 -20.31
CA GLY A 23 -10.50 -10.92 -21.45
C GLY A 23 -11.54 -11.75 -22.13
N THR A 24 -12.19 -12.59 -21.32
CA THR A 24 -13.54 -13.16 -21.66
C THR A 24 -14.51 -12.19 -20.96
N GLY A 25 -14.02 -11.21 -20.18
CA GLY A 25 -14.88 -10.27 -19.44
C GLY A 25 -16.19 -10.04 -20.17
N PHE A 26 -17.35 -10.17 -19.50
CA PHE A 26 -18.62 -9.68 -20.08
C PHE A 26 -18.44 -8.17 -20.37
N LEU A 27 -18.26 -7.36 -19.34
CA LEU A 27 -18.46 -5.89 -19.42
C LEU A 27 -17.35 -5.31 -20.28
N ALA A 28 -16.12 -5.68 -19.98
CA ALA A 28 -14.91 -5.03 -20.56
C ALA A 28 -14.96 -5.12 -22.08
N LYS A 29 -15.24 -6.32 -22.58
CA LYS A 29 -15.38 -6.73 -24.00
C LYS A 29 -16.38 -5.83 -24.77
N VAL A 30 -17.57 -5.64 -24.23
CA VAL A 30 -18.56 -4.72 -24.84
C VAL A 30 -17.90 -3.35 -25.04
N LEU A 31 -17.12 -2.93 -24.02
CA LEU A 31 -16.33 -1.66 -23.98
C LEU A 31 -15.38 -1.63 -25.18
N ILE A 32 -14.54 -2.66 -25.30
CA ILE A 32 -13.55 -2.82 -26.41
C ILE A 32 -14.32 -2.63 -27.72
N GLU A 33 -15.31 -3.49 -28.02
CA GLU A 33 -16.15 -3.33 -29.22
C GLU A 33 -16.39 -1.82 -29.36
N LYS A 34 -17.09 -1.24 -28.37
CA LYS A 34 -17.61 0.14 -28.48
C LYS A 34 -16.50 1.05 -28.98
N ILE A 35 -15.26 0.89 -28.47
CA ILE A 35 -14.12 1.84 -28.71
C ILE A 35 -13.69 1.73 -30.16
N LEU A 36 -13.39 0.52 -30.61
CA LEU A 36 -12.97 0.26 -32.01
C LEU A 36 -13.96 0.89 -32.99
N ARG A 37 -15.25 0.64 -32.72
CA ARG A 37 -16.38 1.02 -33.60
C ARG A 37 -16.64 2.51 -33.49
N THR A 38 -16.43 3.09 -32.32
CA THR A 38 -16.63 4.56 -32.15
C THR A 38 -15.52 5.33 -32.86
N ASN A 39 -14.29 4.82 -32.89
CA ASN A 39 -13.14 5.60 -33.42
C ASN A 39 -12.01 4.68 -33.80
N PRO A 40 -11.81 4.30 -35.08
CA PRO A 40 -10.94 3.18 -35.40
C PRO A 40 -9.53 3.75 -35.60
N ASP A 41 -9.34 4.97 -35.07
CA ASP A 41 -8.05 5.67 -34.82
C ASP A 41 -7.74 5.65 -33.31
N VAL A 42 -8.30 4.70 -32.55
CA VAL A 42 -7.79 4.42 -31.18
C VAL A 42 -6.34 4.15 -31.45
N GLY A 43 -5.51 4.30 -30.42
CA GLY A 43 -4.18 3.66 -30.32
C GLY A 43 -4.68 2.34 -29.78
N LYS A 44 -3.92 1.28 -29.95
CA LYS A 44 -4.35 -0.01 -29.38
C LYS A 44 -4.74 -0.54 -28.02
N ILE A 45 -5.61 -1.52 -28.03
CA ILE A 45 -6.05 -2.14 -26.76
C ILE A 45 -5.12 -3.32 -26.52
N TYR A 46 -4.52 -3.38 -25.35
CA TYR A 46 -3.58 -4.43 -25.03
C TYR A 46 -4.16 -5.75 -24.58
N VAL A 47 -5.29 -5.70 -23.88
CA VAL A 47 -6.01 -6.89 -23.46
C VAL A 47 -5.50 -8.07 -22.67
N LEU A 48 -4.99 -7.84 -21.47
CA LEU A 48 -4.51 -8.92 -20.64
C LEU A 48 -5.34 -10.15 -20.67
N ILE A 49 -4.72 -11.32 -20.78
CA ILE A 49 -5.47 -12.55 -20.84
C ILE A 49 -4.86 -13.70 -20.08
N LYS A 50 -5.64 -14.44 -19.32
CA LYS A 50 -5.06 -15.61 -18.62
C LYS A 50 -4.74 -16.67 -19.69
N ALA A 51 -3.63 -17.41 -19.60
CA ALA A 51 -3.18 -18.41 -20.63
C ALA A 51 -1.87 -19.14 -20.28
N LYS A 52 -1.81 -20.45 -20.56
CA LYS A 52 -0.60 -21.33 -20.44
C LYS A 52 0.60 -20.62 -21.10
N ASP A 53 0.39 -19.97 -22.22
CA ASP A 53 1.42 -19.23 -22.96
C ASP A 53 0.68 -18.28 -23.91
N GLY A 54 1.42 -17.59 -24.77
CA GLY A 54 0.88 -16.43 -25.51
C GLY A 54 0.28 -16.81 -26.84
N ASP A 55 0.58 -17.98 -27.36
CA ASP A 55 -0.11 -18.34 -28.62
C ASP A 55 -1.38 -19.06 -28.15
N ALA A 56 -1.33 -19.74 -27.00
CA ALA A 56 -2.55 -20.27 -26.32
C ALA A 56 -3.48 -19.12 -25.87
N ALA A 57 -3.04 -17.87 -25.95
CA ALA A 57 -3.86 -16.69 -25.59
C ALA A 57 -4.26 -15.88 -26.83
N LEU A 58 -3.60 -16.06 -27.97
CA LEU A 58 -4.12 -15.53 -29.25
C LEU A 58 -5.42 -16.27 -29.48
N LYS A 59 -5.41 -17.56 -29.11
CA LYS A 59 -6.57 -18.43 -29.28
C LYS A 59 -7.72 -17.83 -28.52
N ARG A 60 -7.57 -17.68 -27.21
CA ARG A 60 -8.60 -16.98 -26.41
C ARG A 60 -8.99 -15.68 -27.15
N LEU A 61 -8.07 -14.85 -27.64
CA LEU A 61 -8.47 -13.52 -28.16
C LEU A 61 -9.42 -13.75 -29.33
N HIS A 62 -9.17 -14.79 -30.13
CA HIS A 62 -9.91 -15.08 -31.38
C HIS A 62 -11.27 -15.70 -31.05
N ASN A 63 -11.26 -16.84 -30.35
CA ASN A 63 -12.45 -17.64 -30.00
C ASN A 63 -13.46 -16.86 -29.12
N GLU A 64 -13.00 -15.90 -28.35
CA GLU A 64 -13.88 -15.21 -27.45
C GLU A 64 -14.03 -13.74 -27.64
N VAL A 65 -13.48 -13.20 -28.71
CA VAL A 65 -13.65 -11.76 -28.91
C VAL A 65 -13.90 -11.38 -30.35
N VAL A 66 -13.01 -11.83 -31.22
CA VAL A 66 -13.06 -11.50 -32.63
C VAL A 66 -14.04 -12.31 -33.43
N ASP A 67 -14.24 -13.54 -33.00
CA ASP A 67 -15.13 -14.53 -33.65
C ASP A 67 -16.42 -14.61 -32.80
N THR A 68 -16.89 -13.47 -32.27
CA THR A 68 -18.13 -13.38 -31.46
C THR A 68 -19.13 -12.46 -32.15
N GLU A 69 -20.41 -12.67 -31.83
CA GLU A 69 -21.49 -12.03 -32.63
C GLU A 69 -21.51 -10.57 -32.21
N LEU A 70 -20.90 -10.25 -31.10
CA LEU A 70 -20.86 -8.89 -30.66
C LEU A 70 -20.14 -8.04 -31.65
N PHE A 71 -19.05 -8.57 -32.18
CA PHE A 71 -18.22 -7.81 -33.10
C PHE A 71 -18.69 -7.72 -34.53
N SER A 72 -19.74 -8.44 -34.85
CA SER A 72 -20.32 -8.50 -36.20
C SER A 72 -20.40 -7.18 -36.92
N ARG A 73 -20.96 -6.18 -36.26
CA ARG A 73 -21.08 -4.84 -36.81
C ARG A 73 -19.73 -4.38 -37.27
N LEU A 74 -18.74 -4.59 -36.43
CA LEU A 74 -17.35 -4.16 -36.80
C LEU A 74 -16.88 -4.96 -38.02
N GLN A 75 -16.91 -6.29 -37.91
CA GLN A 75 -16.60 -7.23 -39.03
C GLN A 75 -17.29 -6.80 -40.32
N GLU A 76 -18.27 -5.92 -40.21
CA GLU A 76 -19.05 -5.43 -41.35
C GLU A 76 -18.46 -4.11 -41.81
N ILE A 77 -18.04 -3.21 -40.92
CA ILE A 77 -17.61 -1.85 -41.38
C ILE A 77 -16.24 -1.97 -42.05
N HIS A 78 -15.36 -2.74 -41.41
CA HIS A 78 -14.11 -3.29 -42.00
C HIS A 78 -14.54 -4.44 -42.93
N GLY A 79 -14.08 -4.44 -44.17
CA GLY A 79 -14.44 -5.53 -45.09
C GLY A 79 -13.97 -6.98 -45.13
N LYS A 80 -12.66 -7.10 -45.38
CA LYS A 80 -11.83 -8.32 -45.27
C LYS A 80 -10.66 -7.69 -44.55
N ASP A 81 -10.84 -6.42 -44.24
CA ASP A 81 -9.93 -5.61 -43.40
C ASP A 81 -10.05 -6.02 -41.95
N TYR A 82 -11.27 -6.19 -41.43
CA TYR A 82 -11.52 -6.48 -39.98
C TYR A 82 -10.42 -7.41 -39.41
N HIS A 83 -10.31 -8.63 -39.93
CA HIS A 83 -9.34 -9.58 -39.38
C HIS A 83 -7.96 -8.92 -39.29
N SER A 84 -7.52 -8.13 -40.29
CA SER A 84 -6.31 -7.23 -40.21
C SER A 84 -6.52 -6.20 -39.07
N PHE A 85 -7.36 -5.19 -39.24
CA PHE A 85 -7.78 -4.27 -38.16
C PHE A 85 -7.79 -4.95 -36.77
N ALA A 86 -8.43 -6.10 -36.58
CA ALA A 86 -8.44 -6.76 -35.26
C ALA A 86 -7.02 -7.03 -34.78
N ALA A 87 -6.19 -7.64 -35.61
CA ALA A 87 -4.75 -7.86 -35.35
C ALA A 87 -3.98 -6.53 -35.14
N ARG A 88 -4.18 -5.50 -35.94
CA ARG A 88 -3.49 -4.20 -35.71
C ARG A 88 -3.86 -3.54 -34.37
N LYS A 89 -4.97 -3.92 -33.73
CA LYS A 89 -5.61 -3.14 -32.63
C LYS A 89 -5.73 -3.93 -31.33
N LEU A 90 -6.01 -5.23 -31.41
CA LEU A 90 -6.04 -6.10 -30.20
C LEU A 90 -4.67 -6.81 -30.03
N VAL A 91 -3.86 -6.34 -29.11
CA VAL A 91 -2.61 -7.03 -28.77
C VAL A 91 -2.92 -7.98 -27.63
N PRO A 92 -2.91 -9.29 -27.80
CA PRO A 92 -3.00 -10.17 -26.65
C PRO A 92 -1.75 -9.93 -25.82
N VAL A 93 -1.94 -9.96 -24.51
CA VAL A 93 -0.87 -9.91 -23.47
C VAL A 93 -1.24 -11.02 -22.51
N VAL A 94 -0.55 -12.16 -22.60
CA VAL A 94 -0.64 -13.23 -21.56
C VAL A 94 -0.26 -12.60 -20.23
N GLY A 95 -1.09 -12.85 -19.23
CA GLY A 95 -1.11 -12.06 -18.00
C GLY A 95 -2.01 -12.64 -16.93
N ASP A 96 -1.77 -12.21 -15.69
CA ASP A 96 -2.49 -12.64 -14.47
C ASP A 96 -2.31 -11.54 -13.42
N VAL A 97 -3.42 -11.00 -12.95
CA VAL A 97 -3.49 -9.92 -11.95
C VAL A 97 -3.07 -10.47 -10.59
N ARG A 98 -3.09 -11.78 -10.44
CA ARG A 98 -2.67 -12.48 -9.20
C ARG A 98 -1.14 -12.34 -9.01
N GLU A 99 -0.34 -11.90 -9.99
CA GLU A 99 1.15 -11.76 -9.83
C GLU A 99 1.73 -10.53 -10.55
N ALA A 100 2.95 -10.17 -10.18
CA ALA A 100 3.48 -8.77 -10.22
C ALA A 100 3.69 -8.25 -11.66
N ASN A 101 3.45 -6.96 -11.86
CA ASN A 101 3.19 -6.40 -13.22
C ASN A 101 2.13 -7.27 -13.88
N VAL A 102 1.13 -7.65 -13.09
CA VAL A 102 -0.09 -8.33 -13.57
C VAL A 102 0.39 -9.42 -14.53
N GLY A 103 1.51 -10.05 -14.16
CA GLY A 103 2.01 -11.32 -14.73
C GLY A 103 2.51 -11.16 -16.14
N ILE A 104 2.78 -9.94 -16.59
CA ILE A 104 3.21 -9.69 -17.98
C ILE A 104 4.71 -9.96 -18.08
N ALA A 105 5.15 -10.67 -19.10
CA ALA A 105 6.60 -10.81 -19.36
C ALA A 105 7.19 -9.40 -19.42
N PRO A 106 8.44 -9.27 -18.92
CA PRO A 106 9.09 -7.96 -18.72
C PRO A 106 9.40 -7.14 -19.97
N GLU A 107 10.05 -7.72 -20.98
CA GLU A 107 10.42 -6.94 -22.19
C GLU A 107 9.18 -6.19 -22.66
N LEU A 108 8.02 -6.86 -22.63
CA LEU A 108 6.71 -6.36 -23.12
C LEU A 108 6.13 -5.43 -22.05
N ALA A 109 6.05 -5.93 -20.83
CA ALA A 109 5.58 -5.16 -19.67
C ALA A 109 6.02 -3.71 -19.80
N GLY A 110 7.23 -3.50 -20.30
CA GLY A 110 7.80 -2.14 -20.36
C GLY A 110 7.38 -1.39 -21.61
N VAL A 111 7.41 -2.10 -22.74
CA VAL A 111 6.83 -1.63 -24.04
C VAL A 111 5.48 -1.01 -23.74
N ILE A 112 4.66 -1.74 -22.95
CA ILE A 112 3.26 -1.38 -22.53
C ILE A 112 3.32 -0.12 -21.67
N ALA A 113 4.08 -0.16 -20.59
CA ALA A 113 4.11 0.94 -19.59
C ALA A 113 4.75 2.20 -20.19
N ASP A 114 5.13 2.14 -21.46
CA ASP A 114 5.66 3.29 -22.21
C ASP A 114 4.57 3.88 -23.12
N GLU A 115 3.69 3.05 -23.68
CA GLU A 115 2.81 3.48 -24.80
C GLU A 115 1.49 3.98 -24.24
N VAL A 116 1.06 3.43 -23.10
CA VAL A 116 -0.36 3.39 -22.71
C VAL A 116 -0.76 4.69 -22.01
N ASP A 117 -1.94 5.21 -22.34
CA ASP A 117 -2.50 6.47 -21.78
C ASP A 117 -3.64 6.16 -20.81
N ILE A 118 -4.31 5.01 -20.93
CA ILE A 118 -5.50 4.70 -20.10
C ILE A 118 -5.45 3.23 -19.70
N ILE A 119 -5.57 2.93 -18.40
CA ILE A 119 -5.69 1.52 -17.90
C ILE A 119 -7.13 1.41 -17.49
N VAL A 120 -7.88 0.46 -18.04
CA VAL A 120 -9.25 0.08 -17.56
C VAL A 120 -9.11 -1.26 -16.86
N ASN A 121 -9.54 -1.37 -15.60
CA ASN A 121 -9.34 -2.61 -14.82
C ASN A 121 -10.69 -3.16 -14.38
N SER A 122 -11.31 -3.95 -15.26
CA SER A 122 -12.60 -4.65 -15.00
C SER A 122 -12.33 -6.05 -14.43
N ALA A 123 -11.09 -6.56 -14.43
CA ALA A 123 -10.80 -7.95 -14.02
C ALA A 123 -11.17 -8.13 -12.55
N ALA A 124 -11.53 -9.35 -12.14
CA ALA A 124 -12.30 -9.59 -10.89
C ALA A 124 -12.64 -11.07 -10.72
N ASN A 125 -12.87 -11.53 -9.50
CA ASN A 125 -13.54 -12.83 -9.28
C ASN A 125 -14.92 -12.50 -8.70
N THR A 126 -16.02 -12.93 -9.32
CA THR A 126 -17.38 -12.43 -8.99
C THR A 126 -18.27 -13.50 -8.33
N THR A 127 -17.74 -14.67 -8.00
CA THR A 127 -18.30 -15.59 -6.99
C THR A 127 -18.59 -14.83 -5.67
N PHE A 128 -19.85 -14.84 -5.23
CA PHE A 128 -20.36 -14.33 -3.93
C PHE A 128 -19.64 -14.98 -2.74
N ASP A 129 -19.81 -16.29 -2.61
CA ASP A 129 -19.35 -17.02 -1.39
C ASP A 129 -17.90 -17.50 -1.58
N GLU A 130 -17.13 -16.88 -2.49
CA GLU A 130 -15.76 -17.29 -2.88
C GLU A 130 -14.88 -17.40 -1.64
N ARG A 131 -14.00 -18.40 -1.58
CA ARG A 131 -12.99 -18.49 -0.48
C ARG A 131 -12.23 -17.17 -0.30
N TYR A 132 -11.64 -16.95 0.86
CA TYR A 132 -11.04 -15.63 1.18
C TYR A 132 -9.81 -15.48 0.28
N ASP A 133 -8.84 -16.41 0.36
CA ASP A 133 -7.53 -16.24 -0.29
C ASP A 133 -7.78 -15.75 -1.70
N VAL A 134 -8.68 -16.44 -2.39
CA VAL A 134 -8.88 -16.16 -3.83
C VAL A 134 -9.45 -14.76 -3.97
N ALA A 135 -10.57 -14.45 -3.35
CA ALA A 135 -11.28 -13.16 -3.55
C ALA A 135 -10.30 -12.01 -3.30
N MET A 136 -9.57 -12.11 -2.19
CA MET A 136 -8.64 -11.07 -1.64
C MET A 136 -7.54 -10.83 -2.67
N ASP A 137 -6.95 -11.93 -3.11
CA ASP A 137 -5.81 -11.95 -4.05
C ASP A 137 -6.16 -11.23 -5.37
N ILE A 138 -7.33 -11.50 -5.95
CA ILE A 138 -7.77 -10.95 -7.26
C ILE A 138 -8.32 -9.55 -7.03
N ASN A 139 -9.21 -9.46 -6.05
CA ASN A 139 -10.19 -8.35 -5.98
C ASN A 139 -9.57 -7.19 -5.21
N THR A 140 -8.69 -7.48 -4.25
CA THR A 140 -8.19 -6.44 -3.32
C THR A 140 -6.66 -6.34 -3.44
N VAL A 141 -5.91 -7.42 -3.53
CA VAL A 141 -4.43 -7.28 -3.72
C VAL A 141 -3.95 -7.11 -5.17
N GLY A 142 -4.73 -7.60 -6.12
CA GLY A 142 -4.51 -7.38 -7.55
C GLY A 142 -4.47 -5.88 -7.81
N PRO A 143 -5.56 -5.13 -7.54
CA PRO A 143 -5.60 -3.69 -7.78
C PRO A 143 -4.37 -2.91 -7.30
N PHE A 144 -3.73 -3.39 -6.22
CA PHE A 144 -2.35 -3.01 -5.81
C PHE A 144 -1.40 -3.24 -7.00
N ARG A 145 -1.03 -4.49 -7.23
CA ARG A 145 -0.21 -4.96 -8.39
C ARG A 145 -0.36 -4.07 -9.63
N ILE A 146 -1.58 -3.77 -10.10
CA ILE A 146 -1.81 -2.88 -11.28
C ILE A 146 -1.36 -1.48 -10.92
N MET A 147 -2.01 -0.86 -9.94
CA MET A 147 -1.70 0.52 -9.49
C MET A 147 -0.19 0.66 -9.32
N SER A 148 0.43 -0.34 -8.70
CA SER A 148 1.88 -0.45 -8.48
C SER A 148 2.58 -0.25 -9.84
N PHE A 149 2.38 -1.19 -10.76
CA PHE A 149 2.80 -1.17 -12.20
C PHE A 149 2.37 0.14 -12.86
N ALA A 150 1.23 0.69 -12.49
CA ALA A 150 0.67 1.90 -13.13
C ALA A 150 1.62 3.05 -12.86
N GLN A 151 2.37 2.96 -11.78
CA GLN A 151 3.12 4.14 -11.32
C GLN A 151 4.35 4.21 -12.23
N ARG A 152 4.83 3.06 -12.72
CA ARG A 152 6.04 3.02 -13.60
C ARG A 152 5.67 3.45 -15.03
N PHE A 153 4.38 3.59 -15.33
CA PHE A 153 3.90 4.07 -16.66
C PHE A 153 4.46 5.48 -16.90
N ARG A 154 4.58 5.85 -18.17
CA ARG A 154 5.37 7.01 -18.65
C ARG A 154 4.42 8.19 -18.84
N ARG A 155 3.34 8.00 -19.60
CA ARG A 155 2.35 9.05 -19.92
C ARG A 155 0.94 8.58 -19.54
N LEU A 156 0.79 7.69 -18.55
CA LEU A 156 -0.55 7.21 -18.11
C LEU A 156 -1.38 8.42 -17.73
N LYS A 157 -2.54 8.61 -18.36
CA LYS A 157 -3.34 9.86 -18.27
C LYS A 157 -4.54 9.63 -17.36
N LEU A 158 -4.96 8.37 -17.11
CA LEU A 158 -6.20 8.04 -16.34
C LEU A 158 -6.23 6.56 -16.00
N PHE A 159 -6.60 6.20 -14.78
CA PHE A 159 -6.76 4.76 -14.40
C PHE A 159 -8.22 4.53 -14.01
N LEU A 160 -8.88 3.65 -14.74
CA LEU A 160 -10.34 3.49 -14.57
C LEU A 160 -10.59 2.12 -13.95
N GLN A 161 -11.20 2.18 -12.78
CA GLN A 161 -11.47 1.02 -11.93
C GLN A 161 -12.95 0.75 -12.03
N VAL A 162 -13.29 -0.49 -12.30
CA VAL A 162 -14.68 -0.98 -12.37
C VAL A 162 -14.91 -1.78 -11.10
N SER A 163 -15.69 -1.25 -10.16
CA SER A 163 -16.20 -2.00 -8.97
C SER A 163 -17.70 -1.82 -8.95
N THR A 164 -18.44 -2.67 -8.22
CA THR A 164 -19.91 -2.59 -8.01
C THR A 164 -20.35 -1.30 -7.30
N ALA A 165 -21.66 -1.04 -7.29
CA ALA A 165 -22.28 -0.18 -6.26
C ALA A 165 -22.56 -1.02 -5.01
N TYR A 166 -22.65 -2.35 -5.13
CA TYR A 166 -22.89 -3.27 -3.98
C TYR A 166 -21.66 -3.17 -3.08
N VAL A 167 -20.62 -2.52 -3.63
CA VAL A 167 -19.44 -2.01 -2.86
C VAL A 167 -19.93 -1.20 -1.66
N ASN A 168 -21.03 -0.44 -1.80
CA ASN A 168 -21.64 0.42 -0.76
C ASN A 168 -22.17 -0.41 0.41
N GLY A 169 -22.10 -1.74 0.33
CA GLY A 169 -22.38 -2.66 1.45
C GLY A 169 -23.75 -2.48 2.12
N GLN A 170 -23.77 -2.63 3.45
CA GLN A 170 -25.00 -2.65 4.26
C GLN A 170 -25.59 -1.26 4.37
N ARG A 171 -25.10 -0.26 3.64
CA ARG A 171 -25.65 1.13 3.71
C ARG A 171 -27.12 1.05 3.31
N GLN A 172 -28.02 1.50 4.17
CA GLN A 172 -29.44 1.50 3.87
C GLN A 172 -29.90 2.86 3.44
N GLY A 173 -30.99 2.90 2.70
CA GLY A 173 -31.56 4.15 2.25
C GLY A 173 -30.89 4.67 1.01
N VAL A 174 -30.99 5.96 0.78
CA VAL A 174 -30.35 6.56 -0.37
C VAL A 174 -28.88 6.56 -0.03
N VAL A 175 -28.03 6.29 -1.01
CA VAL A 175 -26.57 6.17 -0.72
C VAL A 175 -25.89 7.06 -1.73
N LEU A 176 -25.09 8.03 -1.29
CA LEU A 176 -24.42 8.92 -2.26
C LEU A 176 -23.10 8.33 -2.79
N GLU A 177 -22.66 8.89 -3.90
CA GLU A 177 -21.38 8.54 -4.52
C GLU A 177 -20.35 9.18 -3.58
N LYS A 178 -19.72 8.39 -2.72
CA LYS A 178 -18.54 8.83 -1.95
C LYS A 178 -17.52 7.69 -1.89
N PRO A 179 -16.20 7.99 -1.89
CA PRO A 179 -15.15 7.00 -1.93
C PRO A 179 -14.98 6.24 -0.61
N PHE A 180 -14.34 5.08 -0.66
CA PHE A 180 -13.74 4.42 0.53
C PHE A 180 -12.25 4.76 0.58
N ARG A 181 -11.80 5.12 1.79
CA ARG A 181 -10.38 5.29 2.16
C ARG A 181 -9.96 4.11 3.02
N LEU A 182 -8.69 3.99 3.29
CA LEU A 182 -8.13 2.65 3.62
C LEU A 182 -8.59 2.19 4.99
N GLY A 183 -9.11 3.06 5.85
CA GLY A 183 -9.55 2.64 7.20
C GLY A 183 -11.02 2.25 7.43
N ASP A 184 -11.90 2.81 6.58
CA ASP A 184 -13.39 2.83 6.58
C ASP A 184 -13.97 1.41 6.76
N THR A 185 -15.02 1.33 7.60
CA THR A 185 -15.99 0.22 7.70
C THR A 185 -17.41 0.77 7.57
N ILE A 186 -18.33 -0.05 7.06
CA ILE A 186 -19.72 0.38 6.88
C ILE A 186 -20.59 -0.15 8.00
N ALA A 187 -20.41 0.40 9.20
CA ALA A 187 -21.19 -0.01 10.36
C ALA A 187 -21.78 1.19 11.09
N LYS A 188 -23.03 1.52 10.78
CA LYS A 188 -23.70 2.65 11.40
C LYS A 188 -25.08 2.25 11.92
N GLN A 197 -24.83 -11.07 17.62
CA GLN A 197 -24.49 -10.06 16.58
C GLN A 197 -22.95 -10.06 16.41
N HIS A 198 -22.37 -9.07 15.72
CA HIS A 198 -20.91 -8.96 15.48
C HIS A 198 -20.59 -7.63 14.79
N LYS A 199 -19.62 -6.86 15.27
CA LYS A 199 -19.17 -5.59 14.62
C LYS A 199 -17.76 -5.18 15.06
N ASN A 200 -16.92 -4.79 14.09
CA ASN A 200 -15.61 -4.11 14.26
C ASN A 200 -15.66 -2.72 13.62
N THR A 201 -14.75 -1.84 14.06
CA THR A 201 -14.93 -0.38 13.98
C THR A 201 -13.91 0.24 13.02
N MET A 202 -12.73 -0.37 12.86
CA MET A 202 -11.70 0.05 11.87
C MET A 202 -11.30 -1.21 11.10
N LEU A 203 -10.91 -1.06 9.82
CA LEU A 203 -10.57 -2.18 8.90
C LEU A 203 -9.05 -2.29 8.72
N ASP A 204 -8.47 -3.34 9.29
CA ASP A 204 -7.00 -3.52 9.22
C ASP A 204 -6.67 -4.40 8.00
N ILE A 205 -6.48 -3.80 6.81
CA ILE A 205 -6.04 -4.57 5.60
C ILE A 205 -5.01 -5.59 6.06
N GLU A 206 -4.01 -5.12 6.80
CA GLU A 206 -2.93 -6.00 7.33
C GLU A 206 -3.59 -7.25 7.87
N ALA A 207 -4.52 -7.08 8.81
CA ALA A 207 -5.12 -8.16 9.63
C ALA A 207 -5.87 -9.16 8.73
N GLU A 208 -6.69 -8.62 7.82
CA GLU A 208 -7.40 -9.38 6.75
C GLU A 208 -6.38 -10.13 5.88
N ILE A 209 -5.37 -9.41 5.40
CA ILE A 209 -4.34 -10.00 4.51
C ILE A 209 -3.85 -11.27 5.20
N LYS A 210 -3.74 -11.30 6.53
CA LYS A 210 -3.02 -12.44 7.17
C LYS A 210 -3.98 -13.62 7.38
N LEU A 211 -5.28 -13.40 7.58
CA LEU A 211 -6.22 -14.53 7.86
C LEU A 211 -6.44 -15.29 6.55
N ALA A 212 -6.78 -14.51 5.51
CA ALA A 212 -6.73 -14.87 4.08
C ALA A 212 -5.30 -15.19 3.72
N PHE A 213 -4.94 -16.42 3.44
CA PHE A 213 -3.57 -16.70 3.12
C PHE A 213 -2.08 -16.63 3.38
N ASP A 214 -1.77 -16.47 4.65
CA ASP A 214 -0.44 -16.40 5.21
C ASP A 214 0.35 -17.65 4.96
N HIS A 215 -0.02 -18.71 5.67
CA HIS A 215 0.53 -20.03 5.41
C HIS A 215 -0.43 -20.74 4.55
N ARG A 216 -1.66 -20.84 5.02
CA ARG A 216 -2.67 -21.54 4.28
C ARG A 216 -2.49 -22.92 3.67
N ARG A 217 -1.51 -23.66 4.18
CA ARG A 217 -1.19 -25.01 3.73
C ARG A 217 -1.23 -24.87 2.21
N HIS A 218 -0.37 -24.00 1.72
CA HIS A 218 -0.34 -23.69 0.31
C HIS A 218 -0.64 -24.95 -0.46
N GLY A 219 -0.20 -26.07 0.09
CA GLY A 219 -0.53 -27.34 -0.50
C GLY A 219 -1.72 -28.12 0.03
N ASP A 220 -2.58 -27.55 0.87
CA ASP A 220 -3.75 -28.37 1.30
C ASP A 220 -4.95 -28.01 0.43
N ASP A 221 -5.46 -28.97 -0.34
CA ASP A 221 -6.53 -28.75 -1.36
C ASP A 221 -7.74 -29.57 -0.88
N SER A 222 -7.88 -29.75 0.43
CA SER A 222 -9.09 -30.33 1.07
C SER A 222 -10.22 -29.34 0.75
N ALA A 223 -11.24 -29.79 0.01
CA ALA A 223 -12.50 -29.04 -0.18
C ALA A 223 -13.19 -28.81 1.18
N SER A 224 -12.70 -29.48 2.24
CA SER A 224 -12.92 -29.09 3.67
C SER A 224 -12.27 -27.74 3.98
N PHE A 225 -10.94 -27.67 4.03
CA PHE A 225 -10.17 -26.41 4.20
C PHE A 225 -10.67 -25.33 3.20
N SER A 226 -10.97 -25.74 1.98
CA SER A 226 -11.55 -24.84 0.95
C SER A 226 -12.88 -24.28 1.45
N GLU A 227 -13.61 -25.03 2.28
CA GLU A 227 -14.86 -24.53 2.91
C GLU A 227 -14.45 -23.53 4.00
N GLU A 228 -13.63 -23.98 4.95
CA GLU A 228 -13.14 -23.15 6.09
C GLU A 228 -12.83 -21.73 5.59
N MET A 229 -12.18 -21.62 4.43
CA MET A 229 -11.81 -20.33 3.80
C MET A 229 -13.03 -19.68 3.16
N LYS A 230 -14.00 -20.41 2.63
CA LYS A 230 -15.21 -19.77 2.05
C LYS A 230 -15.94 -19.09 3.20
N GLU A 231 -16.03 -19.84 4.32
CA GLU A 231 -16.80 -19.52 5.55
C GLU A 231 -16.14 -18.29 6.15
N LEU A 232 -14.84 -18.40 6.40
CA LEU A 232 -13.99 -17.30 6.96
C LEU A 232 -14.23 -15.98 6.20
N GLY A 233 -14.02 -15.94 4.89
CA GLY A 233 -14.35 -14.75 4.08
C GLY A 233 -15.69 -14.13 4.45
N LEU A 234 -16.75 -14.91 4.55
CA LEU A 234 -18.09 -14.33 4.82
C LEU A 234 -18.06 -13.70 6.22
N GLU A 235 -17.51 -14.44 7.18
CA GLU A 235 -17.43 -14.03 8.61
C GLU A 235 -17.04 -12.54 8.69
N ARG A 236 -16.01 -12.15 7.93
CA ARG A 236 -15.34 -10.83 7.96
C ARG A 236 -16.19 -9.86 7.16
N ALA A 237 -16.34 -10.08 5.88
CA ALA A 237 -17.33 -9.27 5.13
C ALA A 237 -18.44 -8.85 6.10
N LYS A 238 -18.94 -9.75 6.95
CA LYS A 238 -20.09 -9.42 7.83
C LYS A 238 -19.82 -8.81 9.21
N LEU A 239 -18.66 -9.12 9.78
CA LEU A 239 -17.95 -8.36 10.86
C LEU A 239 -17.84 -6.85 10.58
N HIS A 240 -17.34 -6.45 9.42
CA HIS A 240 -17.05 -5.03 9.08
C HIS A 240 -18.22 -4.34 8.34
N GLY A 241 -19.22 -5.09 7.83
CA GLY A 241 -20.53 -4.57 7.38
C GLY A 241 -20.82 -4.68 5.89
N TRP A 242 -20.14 -5.59 5.19
CA TRP A 242 -20.45 -5.97 3.79
C TRP A 242 -21.25 -7.29 3.87
N GLN A 243 -22.13 -7.50 2.89
CA GLN A 243 -22.97 -8.71 2.75
C GLN A 243 -22.09 -9.98 2.59
N ASP A 244 -21.19 -9.99 1.61
CA ASP A 244 -20.48 -11.22 1.18
C ASP A 244 -19.02 -10.93 0.77
N THR A 245 -18.23 -12.00 0.79
CA THR A 245 -16.77 -12.04 0.51
C THR A 245 -16.38 -11.24 -0.76
N TYR A 246 -17.29 -11.06 -1.75
CA TYR A 246 -17.00 -10.32 -3.00
C TYR A 246 -17.11 -8.83 -2.73
N VAL A 247 -18.28 -8.34 -2.31
CA VAL A 247 -18.50 -6.88 -2.13
C VAL A 247 -17.46 -6.31 -1.15
N PHE A 248 -17.01 -7.13 -0.19
CA PHE A 248 -15.95 -6.79 0.81
C PHE A 248 -14.67 -6.44 0.03
N THR A 249 -14.00 -7.46 -0.48
CA THR A 249 -12.71 -7.35 -1.23
C THR A 249 -12.84 -6.28 -2.33
N LYS A 250 -14.00 -6.22 -2.97
CA LYS A 250 -14.24 -5.28 -4.08
C LYS A 250 -14.11 -3.85 -3.58
N ALA A 251 -14.48 -3.65 -2.32
CA ALA A 251 -14.41 -2.34 -1.63
C ALA A 251 -12.99 -2.14 -1.17
N MET A 252 -12.48 -3.03 -0.31
CA MET A 252 -11.04 -3.05 0.04
C MET A 252 -10.16 -2.66 -1.19
N GLY A 253 -10.47 -3.16 -2.39
CA GLY A 253 -9.69 -2.77 -3.58
C GLY A 253 -9.80 -1.28 -3.85
N GLU A 254 -11.02 -0.73 -3.81
CA GLU A 254 -11.27 0.73 -3.87
C GLU A 254 -10.33 1.43 -2.86
N MET A 255 -10.12 0.81 -1.70
CA MET A 255 -9.36 1.41 -0.58
C MET A 255 -7.89 1.42 -0.98
N VAL A 256 -7.43 0.29 -1.50
CA VAL A 256 -6.07 0.15 -2.08
C VAL A 256 -5.89 1.19 -3.17
N ILE A 257 -6.76 1.19 -4.17
CA ILE A 257 -6.57 2.10 -5.33
C ILE A 257 -6.57 3.54 -4.82
N ASN A 258 -7.40 3.86 -3.81
CA ASN A 258 -7.41 5.22 -3.22
C ASN A 258 -6.02 5.51 -2.62
N SER A 259 -5.42 4.56 -1.94
CA SER A 259 -4.18 4.80 -1.15
C SER A 259 -2.96 4.99 -2.06
N MET A 260 -3.04 4.49 -3.29
CA MET A 260 -1.87 4.12 -4.12
C MET A 260 -1.80 4.94 -5.39
N ARG A 261 -2.93 5.36 -5.95
CA ARG A 261 -2.90 6.37 -7.02
C ARG A 261 -2.14 7.54 -6.43
N GLY A 262 -1.28 8.22 -7.15
CA GLY A 262 -0.59 9.29 -6.48
C GLY A 262 -0.90 10.53 -7.23
N ASP A 263 -0.07 10.79 -8.21
CA ASP A 263 -0.25 11.90 -9.11
C ASP A 263 -1.37 11.50 -10.05
N ILE A 264 -1.40 10.22 -10.41
CA ILE A 264 -2.38 9.62 -11.28
C ILE A 264 -3.80 9.95 -10.94
N PRO A 265 -4.59 10.19 -11.96
CA PRO A 265 -6.01 10.50 -11.88
C PRO A 265 -7.21 9.57 -12.01
N VAL A 266 -7.49 8.66 -11.09
CA VAL A 266 -8.43 7.51 -11.39
C VAL A 266 -9.86 8.10 -11.55
N VAL A 267 -10.69 7.27 -12.16
CA VAL A 267 -12.18 7.25 -12.12
C VAL A 267 -12.51 5.93 -11.45
N THR A 268 -13.57 5.91 -10.63
CA THR A 268 -14.18 4.69 -10.06
C THR A 268 -15.61 4.58 -10.58
N ILE A 269 -15.88 3.63 -11.47
CA ILE A 269 -17.26 3.38 -11.99
C ILE A 269 -17.87 2.25 -11.17
N ARG A 270 -19.09 2.47 -10.70
CA ARG A 270 -19.82 1.53 -9.89
C ARG A 270 -21.12 1.21 -10.57
N PRO A 271 -21.15 0.14 -11.33
CA PRO A 271 -22.33 -0.30 -12.03
C PRO A 271 -22.95 -1.34 -11.16
N SER A 272 -24.26 -1.37 -11.07
CA SER A 272 -24.89 -2.33 -10.22
C SER A 272 -25.65 -3.29 -11.06
N VAL A 273 -25.29 -4.55 -11.08
CA VAL A 273 -26.13 -5.42 -11.88
C VAL A 273 -26.32 -5.46 -13.37
N ILE A 274 -25.18 -5.44 -14.04
CA ILE A 274 -25.15 -5.44 -15.47
C ILE A 274 -26.08 -6.39 -16.15
N GLU A 275 -26.64 -5.97 -17.27
CA GLU A 275 -27.54 -6.79 -18.01
C GLU A 275 -27.36 -6.49 -19.49
N SER A 276 -28.11 -7.20 -20.31
CA SER A 276 -28.14 -7.10 -21.77
C SER A 276 -28.20 -5.77 -22.42
N THR A 277 -27.24 -5.54 -23.30
CA THR A 277 -27.17 -4.32 -24.01
C THR A 277 -28.51 -3.81 -24.51
N TRP A 278 -28.79 -2.61 -24.08
CA TRP A 278 -30.01 -1.95 -24.40
C TRP A 278 -29.79 -1.15 -25.64
N ARG A 279 -29.87 -1.79 -26.79
CA ARG A 279 -29.60 -1.06 -27.99
C ARG A 279 -28.41 -0.52 -28.77
N ASP A 280 -27.18 -0.73 -28.33
CA ASP A 280 -26.11 -0.08 -29.09
C ASP A 280 -25.51 -0.84 -30.23
N PRO A 281 -24.85 -1.96 -29.92
CA PRO A 281 -24.39 -2.76 -31.05
C PRO A 281 -25.70 -3.22 -31.63
N PHE A 282 -26.48 -3.86 -30.76
CA PHE A 282 -27.81 -4.33 -31.00
C PHE A 282 -28.32 -4.73 -29.63
N PRO A 283 -29.59 -4.49 -29.37
CA PRO A 283 -30.09 -4.85 -28.05
C PRO A 283 -30.14 -6.34 -27.93
N GLY A 284 -29.79 -6.88 -26.78
CA GLY A 284 -29.89 -8.32 -26.60
C GLY A 284 -28.60 -9.08 -26.43
N TRP A 285 -27.54 -8.41 -26.03
CA TRP A 285 -26.32 -9.14 -25.85
C TRP A 285 -26.15 -9.39 -24.39
N MET A 286 -25.64 -10.55 -24.06
CA MET A 286 -25.33 -10.93 -22.66
C MET A 286 -24.20 -11.94 -22.69
N GLU A 287 -23.45 -12.00 -21.60
CA GLU A 287 -22.70 -13.22 -21.21
C GLU A 287 -22.98 -13.49 -19.74
N GLY A 288 -23.09 -14.80 -19.43
CA GLY A 288 -22.89 -15.36 -18.08
C GLY A 288 -24.14 -15.40 -17.21
N ASN A 289 -24.23 -16.51 -16.50
CA ASN A 289 -25.38 -16.90 -15.65
C ASN A 289 -25.37 -16.62 -14.15
N ARG A 290 -24.74 -15.49 -13.80
CA ARG A 290 -24.36 -15.08 -12.43
C ARG A 290 -25.46 -15.00 -11.36
N MET A 291 -26.34 -14.00 -11.44
CA MET A 291 -27.12 -13.65 -10.23
C MET A 291 -28.61 -13.70 -10.54
N MET A 292 -29.13 -12.67 -11.23
CA MET A 292 -30.58 -12.58 -11.51
C MET A 292 -30.93 -13.74 -12.42
N ASP A 293 -30.11 -13.88 -13.45
CA ASP A 293 -30.35 -14.69 -14.66
C ASP A 293 -30.66 -16.13 -14.23
N PRO A 294 -29.81 -16.82 -13.46
CA PRO A 294 -29.98 -18.25 -13.20
C PRO A 294 -31.30 -18.61 -12.51
N VAL A 295 -31.98 -17.60 -11.98
CA VAL A 295 -33.35 -17.72 -11.43
C VAL A 295 -34.35 -17.48 -12.59
N VAL A 296 -34.44 -16.29 -13.21
CA VAL A 296 -35.14 -16.11 -14.52
C VAL A 296 -35.00 -17.40 -15.35
N LEU A 297 -33.86 -18.06 -15.26
CA LEU A 297 -33.52 -19.23 -16.13
C LEU A 297 -34.25 -20.46 -15.63
N TYR A 298 -34.15 -20.68 -14.32
CA TYR A 298 -34.74 -21.79 -13.62
C TYR A 298 -36.23 -21.80 -13.72
N TYR A 299 -36.80 -20.61 -13.67
CA TYR A 299 -38.25 -20.43 -13.69
C TYR A 299 -38.79 -20.47 -15.08
N GLY A 300 -37.90 -20.46 -16.05
CA GLY A 300 -38.31 -20.58 -17.43
C GLY A 300 -38.72 -22.01 -17.58
N LYS A 301 -37.94 -22.91 -17.00
CA LYS A 301 -38.24 -24.31 -16.95
C LYS A 301 -38.65 -24.54 -15.53
N GLY A 302 -38.54 -25.78 -15.09
CA GLY A 302 -38.88 -26.13 -13.73
C GLY A 302 -38.32 -25.50 -12.49
N GLN A 303 -38.78 -26.05 -11.38
CA GLN A 303 -38.36 -25.63 -10.01
C GLN A 303 -38.40 -24.32 -9.20
N LEU A 304 -39.02 -23.21 -9.68
CA LEU A 304 -39.17 -21.96 -8.86
C LEU A 304 -40.64 -21.56 -8.97
N SER A 305 -41.62 -22.07 -8.24
CA SER A 305 -42.97 -21.48 -8.44
C SER A 305 -42.92 -20.04 -7.90
N GLY A 306 -42.05 -19.80 -6.89
CA GLY A 306 -41.99 -18.59 -6.03
C GLY A 306 -40.61 -18.25 -5.44
N PHE A 307 -40.30 -16.97 -5.24
CA PHE A 307 -39.01 -16.54 -4.64
C PHE A 307 -39.25 -15.73 -3.37
N LEU A 308 -38.17 -15.49 -2.62
CA LEU A 308 -38.12 -14.96 -1.22
C LEU A 308 -37.62 -13.50 -1.29
N ALA A 309 -38.52 -12.53 -1.34
CA ALA A 309 -38.21 -11.20 -1.92
C ALA A 309 -39.31 -10.16 -1.61
N ASP A 310 -38.97 -9.08 -0.90
CA ASP A 310 -39.94 -7.97 -0.68
C ASP A 310 -40.35 -7.43 -2.05
N PRO A 311 -41.60 -7.71 -2.48
CA PRO A 311 -42.03 -7.36 -3.83
C PRO A 311 -42.32 -5.87 -4.02
N GLU A 312 -42.20 -5.05 -2.98
CA GLU A 312 -42.19 -3.56 -3.16
C GLU A 312 -40.76 -3.06 -3.34
N GLY A 313 -39.77 -3.86 -2.91
CA GLY A 313 -38.31 -3.58 -2.95
C GLY A 313 -37.75 -3.62 -4.36
N VAL A 314 -36.54 -3.06 -4.55
CA VAL A 314 -35.93 -2.83 -5.91
C VAL A 314 -34.77 -3.83 -6.14
N LEU A 315 -34.55 -4.13 -7.42
CA LEU A 315 -33.29 -4.66 -7.97
C LEU A 315 -32.69 -3.55 -8.84
N ASP A 316 -31.53 -3.00 -8.48
CA ASP A 316 -30.81 -2.02 -9.32
C ASP A 316 -30.15 -2.75 -10.49
N VAL A 317 -30.79 -2.66 -11.66
CA VAL A 317 -30.27 -3.28 -12.92
C VAL A 317 -29.86 -2.13 -13.83
N VAL A 318 -28.75 -2.30 -14.55
CA VAL A 318 -28.34 -1.45 -15.70
C VAL A 318 -28.01 -2.31 -16.89
N PRO A 319 -28.38 -1.80 -18.08
CA PRO A 319 -27.85 -2.31 -19.35
C PRO A 319 -26.34 -2.09 -19.46
N ALA A 320 -25.61 -3.19 -19.69
CA ALA A 320 -24.18 -3.28 -20.06
C ALA A 320 -23.87 -2.18 -21.06
N ASP A 321 -24.70 -2.10 -22.08
CA ASP A 321 -24.77 -0.95 -22.99
C ASP A 321 -24.46 0.44 -22.45
N MET A 322 -24.91 0.75 -21.24
CA MET A 322 -25.08 2.14 -20.74
C MET A 322 -23.91 2.29 -19.77
N VAL A 323 -23.55 1.23 -19.03
CA VAL A 323 -22.31 1.15 -18.22
C VAL A 323 -21.15 1.66 -19.06
N VAL A 324 -21.01 1.08 -20.25
CA VAL A 324 -19.85 1.30 -21.16
C VAL A 324 -19.82 2.78 -21.56
N ASN A 325 -20.98 3.36 -21.82
CA ASN A 325 -21.05 4.73 -22.39
C ASN A 325 -20.75 5.73 -21.23
N ALA A 326 -21.19 5.42 -20.01
CA ALA A 326 -20.78 6.17 -18.80
C ALA A 326 -19.27 6.08 -18.70
N THR A 327 -18.75 4.85 -18.72
CA THR A 327 -17.30 4.54 -18.75
C THR A 327 -16.62 5.50 -19.73
N LEU A 328 -17.05 5.54 -20.99
CA LEU A 328 -16.40 6.35 -22.07
C LEU A 328 -16.58 7.85 -21.81
N ALA A 329 -17.67 8.27 -21.17
CA ALA A 329 -17.87 9.72 -20.88
C ALA A 329 -16.84 10.16 -19.85
N SER A 330 -16.68 9.38 -18.77
CA SER A 330 -15.73 9.70 -17.68
C SER A 330 -14.32 9.76 -18.29
N MET A 331 -13.96 8.75 -19.09
CA MET A 331 -12.61 8.64 -19.70
C MET A 331 -12.28 9.95 -20.40
N ALA A 332 -13.14 10.35 -21.33
CA ALA A 332 -13.04 11.61 -22.11
C ALA A 332 -12.99 12.85 -21.21
N LYS A 333 -13.62 12.82 -20.02
CA LYS A 333 -13.80 14.02 -19.17
C LYS A 333 -12.61 14.24 -18.24
N HIS A 334 -12.05 13.14 -17.71
CA HIS A 334 -11.23 13.08 -16.48
C HIS A 334 -9.78 12.66 -16.75
N GLY A 335 -9.54 12.01 -17.88
CA GLY A 335 -8.20 11.60 -18.30
C GLY A 335 -7.78 12.40 -19.51
N ARG A 336 -8.28 13.62 -19.60
CA ARG A 336 -7.88 14.51 -20.66
C ARG A 336 -7.04 15.18 -19.60
N GLY A 337 -5.80 14.73 -19.51
CA GLY A 337 -4.82 15.29 -18.60
C GLY A 337 -4.75 16.70 -19.10
N GLY A 338 -3.92 17.51 -18.45
CA GLY A 338 -3.79 18.89 -18.86
C GLY A 338 -2.46 19.14 -18.20
N ALA A 339 -2.06 20.40 -18.15
CA ALA A 339 -0.86 20.81 -17.44
C ALA A 339 -1.03 21.49 -16.23
N ALA A 340 -1.99 22.40 -16.26
CA ALA A 340 -2.36 23.29 -15.06
C ALA A 340 -3.20 22.32 -14.30
N ALA A 341 -3.50 21.16 -14.85
CA ALA A 341 -4.34 20.19 -14.12
C ALA A 341 -3.41 19.21 -13.39
N ALA A 342 -2.24 19.01 -13.98
CA ALA A 342 -1.22 18.14 -13.46
C ALA A 342 -0.27 18.94 -12.60
N ALA A 343 -0.26 20.24 -12.80
CA ALA A 343 0.57 21.14 -12.02
C ALA A 343 -0.18 21.63 -10.81
N ALA A 344 -1.46 21.32 -10.77
CA ALA A 344 -2.30 21.74 -9.70
C ALA A 344 -2.39 20.44 -8.95
N ALA A 345 -2.92 20.49 -7.75
CA ALA A 345 -3.04 19.31 -6.95
C ALA A 345 -3.84 18.09 -7.25
N ALA A 346 -3.51 17.00 -6.58
CA ALA A 346 -4.21 15.76 -6.79
C ALA A 346 -5.66 15.92 -6.46
N GLU A 347 -6.51 15.34 -7.30
CA GLU A 347 -7.94 15.45 -7.07
C GLU A 347 -8.41 14.13 -6.51
N GLY A 348 -9.71 14.01 -6.30
CA GLY A 348 -10.25 12.80 -5.76
C GLY A 348 -10.70 11.73 -6.71
N MET A 349 -10.96 10.55 -6.18
CA MET A 349 -11.46 9.42 -7.03
C MET A 349 -12.70 9.96 -7.68
N HIS A 350 -12.97 9.59 -8.91
CA HIS A 350 -14.20 10.07 -9.54
C HIS A 350 -15.17 8.93 -9.38
N VAL A 351 -16.17 9.04 -8.52
CA VAL A 351 -17.06 7.93 -8.34
C VAL A 351 -18.31 8.11 -9.12
N TYR A 352 -18.73 7.06 -9.78
CA TYR A 352 -19.94 7.16 -10.55
C TYR A 352 -20.82 5.99 -10.26
N HIS A 353 -22.03 6.33 -9.86
CA HIS A 353 -23.01 5.34 -9.60
C HIS A 353 -23.68 5.28 -10.92
N VAL A 354 -23.72 4.11 -11.53
CA VAL A 354 -24.37 4.01 -12.86
C VAL A 354 -25.50 3.00 -12.68
N ALA A 355 -26.70 3.53 -12.39
CA ALA A 355 -27.72 2.80 -11.62
C ALA A 355 -29.08 3.51 -11.63
N SER A 356 -30.11 2.72 -11.31
CA SER A 356 -31.55 2.94 -11.64
C SER A 356 -32.37 3.14 -10.37
N SER A 357 -31.87 2.72 -9.21
CA SER A 357 -32.70 2.51 -8.00
C SER A 357 -33.12 3.86 -7.40
N THR A 358 -32.67 5.00 -7.94
CA THR A 358 -33.08 6.35 -7.46
C THR A 358 -33.92 7.06 -8.53
N VAL A 359 -34.01 6.50 -9.73
CA VAL A 359 -34.54 7.17 -10.96
C VAL A 359 -34.93 6.04 -11.90
N ASN A 360 -36.21 5.73 -12.01
CA ASN A 360 -36.73 4.58 -12.82
C ASN A 360 -36.49 3.25 -12.09
N PRO A 361 -36.71 3.11 -10.75
CA PRO A 361 -36.40 1.86 -10.07
C PRO A 361 -37.22 0.72 -10.66
N LEU A 362 -36.65 -0.46 -10.78
CA LEU A 362 -37.42 -1.65 -11.21
C LEU A 362 -37.66 -2.48 -9.95
N ALA A 363 -38.94 -2.66 -9.58
CA ALA A 363 -39.37 -3.34 -8.34
C ALA A 363 -39.48 -4.85 -8.58
N PHE A 364 -39.05 -5.68 -7.63
CA PHE A 364 -39.14 -7.16 -7.71
C PHE A 364 -40.57 -7.59 -8.09
N GLY A 365 -41.59 -6.84 -7.68
CA GLY A 365 -42.95 -6.97 -8.16
C GLY A 365 -43.29 -6.89 -9.66
N ASP A 366 -42.93 -5.80 -10.35
CA ASP A 366 -42.93 -5.69 -11.83
C ASP A 366 -41.98 -6.71 -12.46
N LEU A 367 -40.93 -7.14 -11.74
CA LEU A 367 -39.95 -8.13 -12.28
C LEU A 367 -40.71 -9.46 -12.44
N SER A 368 -41.19 -10.04 -11.34
CA SER A 368 -42.00 -11.30 -11.27
C SER A 368 -43.12 -11.31 -12.32
N ARG A 369 -43.73 -10.15 -12.58
CA ARG A 369 -44.77 -9.95 -13.63
C ARG A 369 -44.13 -10.30 -14.97
N PHE A 370 -43.06 -9.60 -15.32
CA PHE A 370 -42.42 -9.63 -16.66
C PHE A 370 -41.82 -11.03 -16.91
N LEU A 371 -41.38 -11.74 -15.86
CA LEU A 371 -40.94 -13.17 -15.94
C LEU A 371 -42.10 -14.01 -16.50
N PHE A 372 -43.23 -14.04 -15.79
CA PHE A 372 -44.52 -14.64 -16.25
C PHE A 372 -44.74 -14.19 -17.69
N GLN A 373 -45.05 -12.90 -17.91
CA GLN A 373 -45.46 -12.31 -19.22
C GLN A 373 -44.47 -12.63 -20.34
N HIS A 374 -43.27 -13.02 -20.02
CA HIS A 374 -42.32 -13.33 -21.07
C HIS A 374 -42.21 -14.80 -21.24
N PHE A 375 -42.51 -15.54 -20.21
CA PHE A 375 -42.42 -16.97 -20.37
C PHE A 375 -43.74 -17.55 -20.84
N THR A 376 -44.78 -16.73 -20.81
CA THR A 376 -46.06 -17.18 -21.30
C THR A 376 -45.92 -17.04 -22.79
N GLY A 377 -46.02 -15.82 -23.30
CA GLY A 377 -45.87 -15.57 -24.71
C GLY A 377 -44.48 -16.04 -25.10
N SER A 378 -44.44 -17.22 -25.72
CA SER A 378 -43.23 -17.94 -26.16
C SER A 378 -42.29 -18.49 -25.12
N PRO A 379 -42.73 -19.54 -24.42
CA PRO A 379 -42.08 -20.31 -23.37
C PRO A 379 -41.01 -21.24 -23.85
N TYR A 380 -40.31 -21.81 -22.89
CA TYR A 380 -39.17 -22.67 -23.13
C TYR A 380 -39.48 -24.12 -23.47
N SER A 381 -39.30 -24.48 -24.72
CA SER A 381 -39.54 -25.86 -25.12
C SER A 381 -38.49 -26.71 -24.42
N ASP A 382 -38.93 -27.81 -23.81
CA ASP A 382 -38.06 -28.68 -23.04
C ASP A 382 -37.39 -29.76 -23.84
N ALA A 383 -36.68 -30.65 -23.13
CA ALA A 383 -35.97 -31.77 -23.72
C ALA A 383 -36.66 -32.55 -24.82
N ALA A 384 -37.99 -32.57 -24.79
CA ALA A 384 -38.74 -33.23 -25.83
C ALA A 384 -39.38 -32.20 -26.74
N GLY A 385 -38.96 -30.94 -26.60
CA GLY A 385 -39.50 -29.88 -27.42
C GLY A 385 -40.99 -29.71 -27.28
N ARG A 386 -41.42 -29.88 -26.02
CA ARG A 386 -42.80 -29.73 -25.62
C ARG A 386 -42.83 -28.67 -24.54
N PRO A 387 -43.29 -27.49 -24.93
CA PRO A 387 -43.48 -26.20 -24.25
C PRO A 387 -43.97 -26.13 -22.83
N ILE A 388 -43.33 -25.31 -22.01
CA ILE A 388 -43.72 -25.14 -20.62
C ILE A 388 -44.89 -24.51 -19.88
N HIS A 389 -45.06 -24.98 -18.66
CA HIS A 389 -46.12 -24.56 -17.78
C HIS A 389 -45.58 -23.56 -16.78
N VAL A 390 -45.70 -22.28 -17.08
CA VAL A 390 -45.19 -21.24 -16.18
C VAL A 390 -46.24 -20.20 -15.82
N PRO A 391 -46.57 -20.10 -14.52
CA PRO A 391 -47.54 -19.15 -14.00
C PRO A 391 -46.84 -17.87 -13.54
N PRO A 392 -47.48 -17.12 -12.63
CA PRO A 392 -46.91 -15.88 -12.11
C PRO A 392 -46.00 -16.14 -10.91
N MET A 393 -44.82 -15.54 -10.91
CA MET A 393 -43.87 -15.70 -9.82
C MET A 393 -44.53 -15.37 -8.48
N ARG A 394 -44.35 -16.25 -7.50
CA ARG A 394 -44.96 -16.03 -6.16
C ARG A 394 -43.88 -15.56 -5.16
N LEU A 395 -43.91 -14.30 -4.75
CA LEU A 395 -42.84 -13.66 -3.92
C LEU A 395 -43.21 -13.59 -2.43
N PHE A 396 -42.36 -14.12 -1.56
CA PHE A 396 -42.58 -14.21 -0.08
C PHE A 396 -41.78 -13.16 0.74
N ASP A 397 -42.42 -12.75 1.82
CA ASP A 397 -41.94 -11.76 2.81
C ASP A 397 -41.06 -12.44 3.84
N THR A 398 -41.01 -13.76 3.88
CA THR A 398 -40.43 -14.51 5.03
C THR A 398 -39.91 -15.87 4.59
N MET A 399 -38.87 -16.35 5.27
CA MET A 399 -38.40 -17.76 5.21
C MET A 399 -39.45 -18.68 5.82
N GLU A 400 -40.44 -18.10 6.50
CA GLU A 400 -41.67 -18.81 6.92
C GLU A 400 -42.43 -19.26 5.67
N GLN A 401 -43.04 -18.30 4.97
CA GLN A 401 -43.98 -18.48 3.85
C GLN A 401 -43.28 -19.03 2.59
N PHE A 402 -41.96 -18.93 2.50
CA PHE A 402 -41.15 -19.55 1.42
C PHE A 402 -40.96 -21.04 1.73
N ALA A 403 -40.61 -21.42 2.95
CA ALA A 403 -40.40 -22.83 3.34
C ALA A 403 -41.76 -23.54 3.43
N SER A 404 -42.85 -22.76 3.54
CA SER A 404 -44.27 -23.21 3.48
C SER A 404 -44.70 -23.64 2.08
N TYR A 405 -43.70 -23.75 1.23
CA TYR A 405 -43.86 -24.13 -0.15
C TYR A 405 -43.24 -25.47 -0.50
N VAL A 406 -43.06 -26.33 0.50
CA VAL A 406 -42.57 -27.66 0.28
C VAL A 406 -43.88 -28.33 0.07
N GLU A 407 -44.84 -27.48 -0.28
CA GLU A 407 -46.18 -27.91 -0.56
C GLU A 407 -46.06 -28.34 -1.99
N THR A 408 -44.86 -28.24 -2.52
CA THR A 408 -44.57 -28.66 -3.89
C THR A 408 -44.07 -30.09 -4.01
N ASP A 409 -43.07 -30.44 -3.20
CA ASP A 409 -42.55 -31.81 -3.11
C ASP A 409 -43.57 -32.91 -3.27
N ALA A 410 -44.70 -32.69 -2.63
CA ALA A 410 -45.82 -33.56 -2.58
C ALA A 410 -46.72 -33.19 -3.73
N LEU A 411 -47.08 -31.92 -3.78
CA LEU A 411 -47.92 -31.39 -4.83
C LEU A 411 -47.28 -31.63 -6.17
N LEU A 412 -46.15 -30.98 -6.41
CA LEU A 412 -45.46 -31.22 -7.72
C LEU A 412 -45.20 -32.73 -7.87
N ARG A 413 -45.41 -33.58 -6.85
CA ARG A 413 -45.22 -35.05 -6.98
C ARG A 413 -46.54 -35.72 -7.46
N ALA A 414 -47.49 -34.98 -8.07
CA ALA A 414 -48.52 -35.51 -9.02
C ALA A 414 -48.34 -36.37 -10.26
N GLY A 415 -47.11 -36.56 -10.72
CA GLY A 415 -46.84 -37.36 -11.89
C GLY A 415 -47.18 -38.77 -11.49
N ARG A 416 -47.65 -39.00 -10.28
CA ARG A 416 -47.93 -40.37 -9.90
C ARG A 416 -49.33 -40.51 -9.32
N LEU A 417 -50.33 -40.58 -10.20
CA LEU A 417 -51.71 -40.66 -9.74
C LEU A 417 -52.61 -41.60 -10.53
N ALA A 418 -52.06 -42.29 -11.51
CA ALA A 418 -52.85 -43.20 -12.34
C ALA A 418 -53.64 -44.22 -11.54
N GLY A 419 -52.96 -45.08 -10.81
CA GLY A 419 -53.62 -46.09 -10.01
C GLY A 419 -53.31 -45.93 -8.54
N ALA A 420 -53.51 -46.99 -7.78
CA ALA A 420 -53.24 -46.95 -6.34
C ALA A 420 -52.38 -48.13 -5.91
N GLU A 435 -45.36 -38.83 3.97
CA GLU A 435 -44.03 -38.23 3.66
C GLU A 435 -43.51 -38.82 2.33
N LEU A 436 -42.86 -37.99 1.49
CA LEU A 436 -41.92 -38.42 0.41
C LEU A 436 -40.63 -37.60 0.52
N CYS A 437 -39.51 -38.16 0.05
CA CYS A 437 -38.15 -37.57 0.12
C CYS A 437 -38.07 -36.31 -0.77
N ALA A 438 -37.58 -35.22 -0.15
CA ALA A 438 -37.53 -33.84 -0.67
C ALA A 438 -36.19 -33.20 -0.30
N LYS A 439 -35.09 -33.69 -0.88
CA LYS A 439 -33.76 -33.00 -0.87
C LYS A 439 -33.82 -31.93 -1.95
N SER A 440 -34.95 -31.84 -2.66
CA SER A 440 -35.22 -30.87 -3.75
C SER A 440 -35.64 -29.50 -3.20
N VAL A 441 -36.37 -29.47 -2.08
CA VAL A 441 -36.81 -28.21 -1.42
C VAL A 441 -35.61 -27.63 -0.67
N GLU A 442 -34.93 -28.46 0.13
CA GLU A 442 -33.64 -28.15 0.80
C GLU A 442 -32.69 -27.27 -0.02
N GLN A 443 -32.80 -27.31 -1.36
CA GLN A 443 -31.97 -26.51 -2.31
C GLN A 443 -32.72 -25.26 -2.78
N THR A 444 -34.03 -25.36 -3.04
CA THR A 444 -34.84 -24.21 -3.50
C THR A 444 -35.01 -23.24 -2.32
N ILE A 445 -34.74 -23.75 -1.11
CA ILE A 445 -34.79 -23.02 0.19
C ILE A 445 -33.42 -22.31 0.38
N TYR A 446 -32.33 -23.08 0.27
CA TYR A 446 -30.93 -22.60 0.27
C TYR A 446 -30.80 -21.52 -0.80
N LEU A 447 -31.11 -21.87 -2.05
CA LEU A 447 -31.18 -20.94 -3.21
C LEU A 447 -31.62 -19.56 -2.71
N GLY A 448 -32.72 -19.52 -1.95
CA GLY A 448 -33.44 -18.29 -1.57
C GLY A 448 -32.89 -17.69 -0.28
N SER A 449 -32.43 -18.54 0.64
CA SER A 449 -31.64 -18.14 1.84
C SER A 449 -30.53 -17.17 1.41
N ILE A 450 -29.82 -17.58 0.37
CA ILE A 450 -28.58 -16.96 -0.17
C ILE A 450 -28.86 -15.67 -0.92
N TYR A 451 -29.97 -15.58 -1.67
CA TYR A 451 -30.33 -14.37 -2.47
C TYR A 451 -31.01 -13.34 -1.54
N GLN A 452 -31.44 -13.81 -0.36
CA GLN A 452 -32.11 -12.99 0.69
C GLN A 452 -31.54 -11.58 0.75
N PRO A 453 -30.21 -11.44 0.99
CA PRO A 453 -29.64 -10.15 1.38
C PRO A 453 -29.79 -9.10 0.28
N TYR A 454 -30.02 -9.61 -0.93
CA TYR A 454 -30.02 -8.81 -2.17
C TYR A 454 -31.48 -8.52 -2.54
N THR A 455 -32.35 -9.48 -2.18
CA THR A 455 -33.82 -9.46 -2.40
C THR A 455 -34.43 -8.49 -1.38
N PHE A 456 -33.72 -8.26 -0.27
CA PHE A 456 -34.11 -7.33 0.81
C PHE A 456 -33.09 -6.19 0.95
N TYR A 457 -32.47 -5.79 -0.15
CA TYR A 457 -31.40 -4.77 -0.14
C TYR A 457 -31.98 -3.40 0.27
N GLY A 458 -31.50 -2.88 1.41
CA GLY A 458 -31.79 -1.54 1.94
C GLY A 458 -31.25 -0.45 1.00
N GLY A 459 -30.25 -0.79 0.18
CA GLY A 459 -29.56 0.16 -0.71
C GLY A 459 -30.52 0.98 -1.54
N ARG A 460 -30.04 2.07 -2.12
CA ARG A 460 -30.74 2.82 -3.19
C ARG A 460 -29.41 3.55 -3.44
N PHE A 461 -29.10 3.81 -4.71
CA PHE A 461 -27.74 4.17 -5.20
C PHE A 461 -28.07 5.50 -5.89
N ASP A 462 -27.77 6.62 -5.22
CA ASP A 462 -27.84 8.00 -5.79
C ASP A 462 -27.05 8.03 -7.10
N ASN A 463 -27.65 8.62 -8.13
CA ASN A 463 -27.29 8.44 -9.54
C ASN A 463 -26.67 9.75 -9.99
N GLY A 464 -26.23 10.56 -9.02
CA GLY A 464 -26.12 12.02 -9.15
C GLY A 464 -25.02 12.63 -9.99
N ASN A 465 -23.77 12.31 -9.65
CA ASN A 465 -22.59 12.70 -10.46
C ASN A 465 -22.88 12.24 -11.86
N THR A 466 -23.28 10.97 -11.97
CA THR A 466 -23.43 10.30 -13.29
C THR A 466 -24.49 11.01 -14.12
N GLU A 467 -25.49 11.61 -13.46
CA GLU A 467 -26.53 12.41 -14.14
C GLU A 467 -25.87 13.68 -14.71
N ALA A 468 -25.16 14.42 -13.86
CA ALA A 468 -24.46 15.68 -14.25
C ALA A 468 -23.51 15.42 -15.43
N LEU A 469 -22.98 14.19 -15.54
CA LEU A 469 -22.05 13.80 -16.65
C LEU A 469 -22.84 13.88 -17.95
N ILE A 470 -24.09 13.40 -17.98
CA ILE A 470 -24.99 13.51 -19.18
C ILE A 470 -25.17 14.99 -19.51
N GLY A 471 -25.68 15.76 -18.55
CA GLY A 471 -25.95 17.20 -18.70
C GLY A 471 -24.76 17.97 -19.25
N GLU A 472 -23.60 17.32 -19.32
CA GLU A 472 -22.34 17.90 -19.86
C GLU A 472 -22.24 17.57 -21.36
N MET A 473 -22.92 16.54 -21.84
CA MET A 473 -22.68 16.00 -23.21
C MET A 473 -23.45 16.87 -24.22
N SER A 474 -22.99 16.95 -25.46
CA SER A 474 -23.82 17.45 -26.59
C SER A 474 -24.93 16.42 -26.84
N GLU A 475 -26.17 16.90 -27.05
CA GLU A 475 -27.34 16.11 -27.56
C GLU A 475 -26.86 15.17 -28.68
N GLU A 476 -25.93 15.63 -29.54
CA GLU A 476 -25.19 14.79 -30.52
C GLU A 476 -24.58 13.56 -29.83
N GLU A 477 -23.96 13.72 -28.66
CA GLU A 477 -23.26 12.62 -27.93
C GLU A 477 -24.27 11.71 -27.23
N LYS A 478 -25.33 12.32 -26.70
CA LYS A 478 -26.40 11.60 -25.96
C LYS A 478 -27.06 10.62 -26.95
N ALA A 479 -26.95 10.94 -28.24
CA ALA A 479 -27.24 10.05 -29.39
C ALA A 479 -26.37 8.79 -29.37
N ARG A 480 -25.04 8.92 -29.52
CA ARG A 480 -24.09 7.77 -29.64
C ARG A 480 -23.98 7.00 -28.31
N PHE A 481 -23.82 7.73 -27.20
CA PHE A 481 -23.40 7.17 -25.88
C PHE A 481 -24.51 7.45 -24.85
N HIS A 482 -25.62 6.73 -24.96
CA HIS A 482 -26.76 6.89 -24.02
C HIS A 482 -26.41 6.18 -22.72
N PHE A 483 -26.43 6.89 -21.59
CA PHE A 483 -26.52 6.25 -20.24
C PHE A 483 -27.53 7.05 -19.40
N ASP A 484 -28.57 7.58 -20.06
CA ASP A 484 -29.83 7.92 -19.35
C ASP A 484 -30.55 6.63 -18.96
N VAL A 485 -30.27 6.15 -17.74
CA VAL A 485 -30.99 5.01 -17.09
C VAL A 485 -32.51 5.21 -17.26
N ARG A 486 -32.96 6.46 -17.46
CA ARG A 486 -34.39 6.85 -17.38
C ARG A 486 -35.17 6.37 -18.61
N SER A 487 -34.53 6.32 -19.76
CA SER A 487 -35.19 5.94 -21.04
C SER A 487 -35.58 4.45 -21.05
N ILE A 488 -35.24 3.66 -20.02
CA ILE A 488 -35.52 2.19 -19.97
C ILE A 488 -37.01 2.00 -19.67
N GLU A 489 -37.75 1.31 -20.54
CA GLU A 489 -39.14 0.85 -20.25
C GLU A 489 -39.07 -0.59 -19.73
N TRP A 490 -38.92 -0.74 -18.42
CA TRP A 490 -38.64 -2.06 -17.78
C TRP A 490 -39.55 -3.16 -18.34
N THR A 491 -40.85 -2.82 -18.44
CA THR A 491 -41.98 -3.64 -18.97
C THR A 491 -41.52 -4.31 -20.26
N ASP A 492 -40.84 -3.52 -21.11
CA ASP A 492 -40.22 -3.92 -22.41
C ASP A 492 -38.82 -4.57 -22.41
N TYR A 493 -37.82 -3.91 -21.80
CA TYR A 493 -36.38 -4.27 -21.85
C TYR A 493 -36.26 -5.67 -21.19
N ILE A 494 -37.05 -6.02 -20.16
CA ILE A 494 -36.89 -7.33 -19.46
C ILE A 494 -37.48 -8.47 -20.31
N THR A 495 -38.67 -8.26 -20.86
CA THR A 495 -39.53 -9.31 -21.47
C THR A 495 -39.04 -9.65 -22.87
N ASN A 496 -38.49 -8.61 -23.52
CA ASN A 496 -38.32 -8.46 -24.99
C ASN A 496 -36.85 -8.36 -25.40
N VAL A 497 -36.02 -7.72 -24.59
CA VAL A 497 -34.59 -7.45 -24.90
C VAL A 497 -33.74 -8.40 -24.05
N HIS A 498 -33.80 -8.28 -22.70
CA HIS A 498 -32.85 -9.00 -21.81
C HIS A 498 -33.09 -10.53 -21.85
N ILE A 499 -34.20 -11.04 -21.30
CA ILE A 499 -34.34 -12.52 -21.05
C ILE A 499 -34.19 -13.24 -22.39
N PRO A 500 -34.56 -12.63 -23.55
CA PRO A 500 -34.31 -13.22 -24.86
C PRO A 500 -32.81 -13.44 -25.12
N GLY A 501 -32.11 -12.29 -25.13
CA GLY A 501 -30.67 -12.14 -25.37
C GLY A 501 -29.88 -12.98 -24.39
N LEU A 502 -30.44 -13.14 -23.18
CA LEU A 502 -29.97 -14.08 -22.12
C LEU A 502 -30.12 -15.50 -22.64
N ARG A 503 -31.37 -15.93 -22.85
CA ARG A 503 -31.73 -17.32 -23.20
C ARG A 503 -30.85 -17.79 -24.37
N LYS A 504 -30.65 -16.85 -25.32
CA LYS A 504 -29.86 -17.01 -26.57
C LYS A 504 -28.40 -17.37 -26.27
N HIS A 505 -27.69 -16.54 -25.49
CA HIS A 505 -26.29 -16.77 -25.03
C HIS A 505 -26.18 -18.16 -24.33
N VAL A 506 -27.00 -18.42 -23.31
CA VAL A 506 -26.94 -19.70 -22.54
C VAL A 506 -27.37 -20.88 -23.43
N MET A 507 -27.67 -20.64 -24.72
CA MET A 507 -27.83 -21.70 -25.72
C MET A 507 -26.34 -22.07 -25.47
N LYS A 508 -26.04 -23.35 -25.13
CA LYS A 508 -24.75 -24.07 -25.34
C LYS A 508 -24.98 -25.19 -24.31
N GLY B 5 14.31 37.22 8.63
CA GLY B 5 15.48 36.99 7.71
C GLY B 5 15.38 35.69 6.93
N GLY B 6 15.36 34.55 7.65
CA GLY B 6 15.39 33.18 7.10
C GLY B 6 14.15 32.41 7.46
N ILE B 7 14.24 31.08 7.59
CA ILE B 7 13.10 30.15 7.83
C ILE B 7 12.83 30.09 9.32
N GLY B 8 11.78 30.73 9.81
CA GLY B 8 11.65 31.01 11.26
C GLY B 8 11.65 29.63 11.87
N ILE B 9 12.63 29.29 12.70
CA ILE B 9 12.90 27.85 13.00
C ILE B 9 12.24 27.72 14.37
N ALA B 10 12.26 28.75 15.23
CA ALA B 10 11.62 28.62 16.58
C ALA B 10 10.18 29.12 16.52
N GLU B 11 9.92 30.21 15.78
CA GLU B 11 8.54 30.71 15.52
C GLU B 11 7.69 29.52 15.11
N PHE B 12 8.21 28.68 14.21
CA PHE B 12 7.51 27.51 13.63
C PHE B 12 7.00 26.58 14.73
N LEU B 13 7.77 26.32 15.79
CA LEU B 13 7.31 25.32 16.80
C LEU B 13 6.51 26.34 17.62
N GLY B 14 5.32 26.70 17.12
CA GLY B 14 4.40 27.71 17.68
C GLY B 14 3.44 27.22 18.75
N GLY B 15 2.65 26.22 18.44
CA GLY B 15 1.89 25.50 19.47
C GLY B 15 1.90 24.11 18.83
N LYS B 16 2.75 23.92 17.84
CA LYS B 16 2.82 22.61 17.20
C LYS B 16 2.77 21.45 18.20
N ASN B 17 2.02 20.39 17.87
CA ASN B 17 2.08 19.08 18.60
C ASN B 17 2.66 17.99 17.68
N PHE B 18 3.41 17.09 18.29
CA PHE B 18 4.22 16.07 17.60
C PHE B 18 3.74 14.70 18.07
N LEU B 19 3.73 13.76 17.15
CA LEU B 19 3.92 12.33 17.46
C LEU B 19 5.35 12.02 17.00
N ILE B 20 6.10 11.26 17.80
CA ILE B 20 7.56 11.00 17.66
C ILE B 20 7.82 9.57 18.13
N THR B 21 8.76 8.85 17.53
CA THR B 21 8.93 7.38 17.81
C THR B 21 10.17 7.03 18.71
N GLY B 22 11.00 8.01 19.17
CA GLY B 22 12.35 7.92 19.82
C GLY B 22 12.45 7.71 21.35
N GLY B 23 11.98 6.54 21.76
CA GLY B 23 11.91 6.09 23.14
C GLY B 23 13.18 6.15 23.87
N THR B 24 14.17 5.42 23.38
CA THR B 24 15.50 5.46 23.97
C THR B 24 16.37 5.82 22.79
N GLY B 25 15.75 6.21 21.68
CA GLY B 25 16.42 6.61 20.48
C GLY B 25 17.40 7.69 20.86
N PHE B 26 18.62 7.43 20.51
CA PHE B 26 19.63 8.36 20.82
C PHE B 26 19.35 9.61 20.03
N LEU B 27 18.79 9.47 18.84
CA LEU B 27 18.71 10.66 17.97
C LEU B 27 17.52 11.49 18.40
N ALA B 28 16.35 10.87 18.35
CA ALA B 28 15.03 11.53 18.52
C ALA B 28 14.98 12.31 19.84
N LYS B 29 15.37 11.63 20.92
CA LYS B 29 15.55 12.15 22.30
C LYS B 29 16.29 13.50 22.27
N VAL B 30 17.41 13.56 21.57
CA VAL B 30 18.16 14.84 21.40
C VAL B 30 17.22 15.84 20.72
N LEU B 31 16.47 15.41 19.69
CA LEU B 31 15.43 16.24 19.00
C LEU B 31 14.45 16.81 20.05
N ILE B 32 13.80 15.95 20.82
CA ILE B 32 12.84 16.36 21.89
C ILE B 32 13.53 17.42 22.76
N GLU B 33 14.70 17.11 23.36
CA GLU B 33 15.47 18.12 24.15
C GLU B 33 15.55 19.42 23.36
N LYS B 34 15.81 19.36 22.05
CA LYS B 34 16.10 20.60 21.30
C LYS B 34 14.86 21.48 21.33
N ILE B 35 13.68 20.91 21.06
CA ILE B 35 12.40 21.64 20.74
C ILE B 35 11.91 22.38 21.98
N LEU B 36 11.63 21.64 23.06
CA LEU B 36 11.23 22.13 24.42
C LEU B 36 12.10 23.34 24.76
N ARG B 37 13.40 23.14 24.71
CA ARG B 37 14.44 24.16 24.98
C ARG B 37 14.30 25.30 23.97
N THR B 38 14.35 25.02 22.67
CA THR B 38 14.32 26.13 21.68
C THR B 38 13.00 26.91 21.81
N ASN B 39 11.87 26.25 22.11
CA ASN B 39 10.58 26.99 22.23
C ASN B 39 9.63 26.32 23.21
N PRO B 40 9.45 26.82 24.45
CA PRO B 40 8.75 26.03 25.48
C PRO B 40 7.25 26.32 25.37
N ASP B 41 6.87 26.88 24.21
CA ASP B 41 5.47 27.13 23.75
C ASP B 41 5.11 26.10 22.64
N VAL B 42 5.94 25.07 22.42
CA VAL B 42 5.53 23.89 21.63
C VAL B 42 4.19 23.46 22.23
N GLY B 43 3.40 22.73 21.43
CA GLY B 43 2.24 21.94 21.91
C GLY B 43 2.73 20.77 22.73
N LYS B 44 2.17 19.61 22.51
CA LYS B 44 2.65 18.44 23.26
C LYS B 44 3.49 17.60 22.33
N ILE B 45 4.59 17.07 22.85
CA ILE B 45 5.21 15.91 22.20
C ILE B 45 4.54 14.66 22.78
N TYR B 46 3.75 13.94 21.95
CA TYR B 46 3.31 12.54 22.25
C TYR B 46 4.48 11.60 21.94
N VAL B 47 5.04 10.98 22.96
CA VAL B 47 6.28 10.18 22.83
C VAL B 47 5.92 8.71 22.81
N LEU B 48 5.95 8.08 21.65
CA LEU B 48 5.55 6.65 21.60
C LEU B 48 6.63 5.81 22.27
N ILE B 49 6.18 4.82 23.06
CA ILE B 49 7.04 3.97 23.93
C ILE B 49 6.54 2.52 23.99
N LYS B 50 7.42 1.52 23.86
CA LYS B 50 6.92 0.13 24.08
C LYS B 50 6.79 -0.13 25.58
N ALA B 51 5.68 -0.70 26.07
CA ALA B 51 5.53 -1.08 27.51
C ALA B 51 4.45 -2.15 27.75
N LYS B 52 4.66 -3.03 28.75
CA LYS B 52 3.62 -3.94 29.30
C LYS B 52 2.32 -3.15 29.39
N ASP B 53 2.41 -1.88 29.77
CA ASP B 53 1.26 -1.02 30.12
C ASP B 53 1.75 0.42 30.37
N GLY B 54 0.80 1.32 30.53
CA GLY B 54 1.02 2.77 30.38
C GLY B 54 1.77 3.37 31.53
N ASP B 55 1.75 2.71 32.69
CA ASP B 55 2.47 3.33 33.83
C ASP B 55 3.88 2.73 33.76
N ALA B 56 4.00 1.45 33.43
CA ALA B 56 5.31 0.84 33.06
C ALA B 56 5.99 1.62 31.91
N ALA B 57 5.30 2.53 31.25
CA ALA B 57 5.85 3.37 30.17
C ALA B 57 6.10 4.81 30.65
N LEU B 58 5.45 5.23 31.74
CA LEU B 58 5.76 6.52 32.39
C LEU B 58 7.16 6.33 32.97
N LYS B 59 7.38 5.14 33.51
CA LYS B 59 8.69 4.73 34.04
C LYS B 59 9.74 4.96 32.96
N ARG B 60 9.62 4.26 31.84
CA ARG B 60 10.52 4.50 30.68
C ARG B 60 10.68 6.04 30.49
N LEU B 61 9.60 6.81 30.40
CA LEU B 61 9.71 8.24 30.00
C LEU B 61 10.54 8.99 31.04
N HIS B 62 10.50 8.50 32.28
CA HIS B 62 11.16 9.16 33.44
C HIS B 62 12.63 8.74 33.42
N ASN B 63 12.87 7.47 33.77
CA ASN B 63 14.20 6.82 33.88
C ASN B 63 15.11 7.15 32.68
N GLU B 64 14.55 7.24 31.49
CA GLU B 64 15.44 7.40 30.38
C GLU B 64 15.48 8.79 29.79
N VAL B 65 14.39 9.54 29.73
CA VAL B 65 14.50 10.92 29.38
C VAL B 65 14.17 12.08 30.18
N VAL B 66 13.45 11.88 31.26
CA VAL B 66 13.31 12.93 32.23
C VAL B 66 14.42 12.02 32.77
N ASP B 67 15.03 12.49 33.86
CA ASP B 67 16.19 11.97 34.63
C ASP B 67 17.39 11.48 33.84
N THR B 68 17.74 12.31 32.86
CA THR B 68 18.94 12.09 32.00
C THR B 68 19.76 13.37 31.84
N GLU B 69 21.08 13.18 31.68
CA GLU B 69 22.01 14.33 31.70
C GLU B 69 21.62 15.23 30.54
N LEU B 70 21.25 14.66 29.41
CA LEU B 70 20.82 15.41 28.18
C LEU B 70 19.90 16.58 28.59
N PHE B 71 18.94 16.30 29.49
CA PHE B 71 17.77 17.18 29.70
C PHE B 71 18.17 18.35 30.61
N SER B 72 19.21 18.14 31.43
CA SER B 72 19.57 18.93 32.64
C SER B 72 19.62 20.44 32.40
N ARG B 73 19.89 20.96 31.19
CA ARG B 73 19.84 22.43 30.95
C ARG B 73 18.37 22.93 30.98
N LEU B 74 17.41 22.11 30.54
CA LEU B 74 15.93 22.34 30.74
C LEU B 74 15.59 22.30 32.23
N GLN B 75 16.10 21.28 32.94
CA GLN B 75 15.91 21.14 34.41
C GLN B 75 16.32 22.44 35.10
N GLU B 76 17.08 23.27 34.38
CA GLU B 76 17.70 24.48 34.93
C GLU B 76 16.93 25.70 34.49
N ILE B 77 16.23 25.68 33.37
CA ILE B 77 15.54 26.94 32.93
C ILE B 77 14.24 27.05 33.75
N HIS B 78 13.55 25.91 33.83
CA HIS B 78 12.40 25.68 34.72
C HIS B 78 13.02 25.44 36.11
N GLY B 79 12.49 26.11 37.13
CA GLY B 79 12.92 25.87 38.52
C GLY B 79 12.79 24.73 39.53
N LYS B 80 11.52 24.42 39.83
CA LYS B 80 11.07 23.20 40.56
C LYS B 80 10.01 22.87 39.52
N ASP B 81 9.88 23.78 38.56
CA ASP B 81 8.89 23.80 37.46
C ASP B 81 9.15 22.71 36.42
N TYR B 82 10.41 22.45 36.05
CA TYR B 82 10.70 21.50 34.93
C TYR B 82 9.84 20.24 35.11
N HIS B 83 9.90 19.63 36.29
CA HIS B 83 9.11 18.42 36.60
C HIS B 83 7.63 18.63 36.22
N SER B 84 6.96 19.78 36.48
CA SER B 84 5.63 20.15 35.87
C SER B 84 5.76 20.30 34.34
N PHE B 85 6.48 21.30 33.87
CA PHE B 85 6.73 21.51 32.41
C PHE B 85 7.04 20.18 31.69
N ALA B 86 7.76 19.24 32.28
CA ALA B 86 7.94 17.92 31.62
C ALA B 86 6.59 17.24 31.39
N ALA B 87 5.88 16.96 32.47
CA ALA B 87 4.55 16.31 32.46
C ALA B 87 3.57 17.06 31.55
N ARG B 88 3.63 18.39 31.47
CA ARG B 88 2.70 19.16 30.60
C ARG B 88 2.93 18.88 29.11
N LYS B 89 4.17 18.54 28.72
CA LYS B 89 4.71 18.62 27.34
C LYS B 89 5.11 17.24 26.81
N LEU B 90 5.49 16.31 27.67
CA LEU B 90 5.80 14.91 27.26
C LEU B 90 4.65 13.96 27.61
N VAL B 91 4.04 13.34 26.63
CA VAL B 91 2.89 12.45 26.91
C VAL B 91 3.26 11.02 26.55
N PRO B 92 3.44 10.17 27.54
CA PRO B 92 3.70 8.76 27.25
C PRO B 92 2.48 8.20 26.54
N VAL B 93 2.72 7.68 25.35
CA VAL B 93 1.80 6.83 24.56
C VAL B 93 2.43 5.44 24.50
N VAL B 94 1.85 4.46 25.18
CA VAL B 94 2.19 3.03 24.88
C VAL B 94 1.92 2.82 23.40
N GLY B 95 2.82 2.05 22.79
CA GLY B 95 2.83 1.79 21.35
C GLY B 95 3.62 0.55 21.04
N ASP B 96 3.90 0.45 19.73
CA ASP B 96 4.58 -0.63 18.97
C ASP B 96 4.50 0.40 17.82
N VAL B 97 5.16 0.07 16.72
CA VAL B 97 5.05 0.56 15.32
C VAL B 97 4.83 -0.74 14.55
N ARG B 98 5.11 -1.87 15.18
CA ARG B 98 4.91 -3.23 14.63
C ARG B 98 3.39 -3.59 14.55
N GLU B 99 2.44 -2.72 14.97
CA GLU B 99 0.98 -3.00 15.09
C GLU B 99 0.10 -1.84 14.62
N ALA B 100 -1.19 -2.12 14.36
CA ALA B 100 -2.23 -1.19 13.91
C ALA B 100 -2.26 0.12 14.71
N ASN B 101 -2.35 1.26 14.03
CA ASN B 101 -2.10 2.61 14.62
C ASN B 101 -0.92 2.56 15.57
N VAL B 102 0.17 1.91 15.12
CA VAL B 102 1.49 1.91 15.79
C VAL B 102 1.24 1.52 17.25
N GLY B 103 0.29 0.62 17.44
CA GLY B 103 0.02 -0.06 18.74
C GLY B 103 -0.75 0.80 19.72
N ILE B 104 -1.12 2.02 19.34
CA ILE B 104 -1.82 2.95 20.27
C ILE B 104 -3.25 2.48 20.44
N ALA B 105 -3.72 2.40 21.67
CA ALA B 105 -5.13 2.05 21.92
C ALA B 105 -5.99 3.26 21.60
N PRO B 106 -7.23 2.96 21.14
CA PRO B 106 -8.07 3.85 20.33
C PRO B 106 -8.46 5.22 20.88
N GLU B 107 -9.11 5.29 22.05
CA GLU B 107 -9.60 6.59 22.55
C GLU B 107 -8.46 7.61 22.38
N LEU B 108 -7.21 7.24 22.75
CA LEU B 108 -6.00 8.12 22.74
C LEU B 108 -5.52 8.25 21.29
N ALA B 109 -5.35 7.11 20.64
CA ALA B 109 -5.10 7.05 19.19
C ALA B 109 -5.93 8.14 18.49
N GLY B 110 -7.15 8.33 18.99
CA GLY B 110 -8.10 9.32 18.46
C GLY B 110 -7.62 10.74 18.61
N VAL B 111 -7.36 11.16 19.85
CA VAL B 111 -6.95 12.57 20.09
C VAL B 111 -5.69 12.84 19.30
N ILE B 112 -4.75 11.88 19.34
CA ILE B 112 -3.41 12.04 18.69
C ILE B 112 -3.66 12.41 17.23
N ALA B 113 -4.50 11.61 16.55
CA ALA B 113 -4.92 11.80 15.15
C ALA B 113 -5.67 13.13 14.94
N ASP B 114 -5.90 13.90 15.99
CA ASP B 114 -6.76 15.10 15.92
C ASP B 114 -5.95 16.35 16.29
N GLU B 115 -4.99 16.26 17.21
CA GLU B 115 -4.24 17.45 17.70
C GLU B 115 -2.98 17.64 16.85
N VAL B 116 -2.30 16.54 16.52
CA VAL B 116 -0.91 16.55 16.01
C VAL B 116 -0.81 17.25 14.65
N ASP B 117 0.25 18.04 14.50
CA ASP B 117 0.57 18.80 13.26
C ASP B 117 1.82 18.20 12.60
N ILE B 118 2.68 17.51 13.36
CA ILE B 118 3.92 16.92 12.80
C ILE B 118 4.09 15.54 13.37
N ILE B 119 4.36 14.55 12.51
CA ILE B 119 4.85 13.22 12.93
C ILE B 119 6.32 13.17 12.56
N VAL B 120 7.16 12.71 13.48
CA VAL B 120 8.60 12.42 13.23
C VAL B 120 8.78 10.93 13.50
N ASN B 121 9.36 10.19 12.56
CA ASN B 121 9.49 8.72 12.71
C ASN B 121 10.96 8.32 12.70
N SER B 122 11.59 8.29 13.87
CA SER B 122 12.96 7.76 14.07
C SER B 122 12.93 6.30 14.58
N ALA B 123 11.77 5.69 14.83
CA ALA B 123 11.72 4.29 15.28
C ALA B 123 12.31 3.43 14.19
N ALA B 124 12.94 2.31 14.54
CA ALA B 124 13.76 1.48 13.63
C ALA B 124 14.42 0.36 14.40
N ASN B 125 14.70 -0.77 13.78
CA ASN B 125 15.66 -1.76 14.35
C ASN B 125 16.99 -1.54 13.62
N THR B 126 18.11 -1.34 14.32
CA THR B 126 19.38 -0.91 13.66
C THR B 126 20.45 -1.99 13.79
N THR B 127 20.04 -3.22 14.09
CA THR B 127 20.86 -4.46 13.97
C THR B 127 21.05 -4.81 12.49
N PHE B 128 22.20 -4.41 11.92
CA PHE B 128 22.64 -4.66 10.52
C PHE B 128 22.40 -6.15 10.15
N ASP B 129 22.64 -7.10 11.05
CA ASP B 129 22.54 -8.54 10.70
C ASP B 129 21.24 -9.13 11.27
N GLU B 130 20.15 -8.36 11.22
CA GLU B 130 18.84 -8.76 11.79
C GLU B 130 18.25 -9.94 11.03
N ARG B 131 17.28 -10.65 11.62
CA ARG B 131 16.44 -11.58 10.81
C ARG B 131 15.51 -10.72 9.96
N TYR B 132 15.14 -11.26 8.79
CA TYR B 132 14.35 -10.53 7.77
C TYR B 132 13.06 -10.10 8.47
N ASP B 133 12.30 -11.09 8.95
CA ASP B 133 10.92 -10.88 9.46
C ASP B 133 10.96 -9.73 10.48
N VAL B 134 11.98 -9.71 11.32
CA VAL B 134 12.06 -8.63 12.34
C VAL B 134 12.29 -7.30 11.63
N ALA B 135 13.37 -7.20 10.88
CA ALA B 135 13.74 -5.93 10.21
C ALA B 135 12.58 -5.45 9.32
N MET B 136 11.96 -6.37 8.59
CA MET B 136 10.90 -6.10 7.59
C MET B 136 9.73 -5.45 8.33
N ASP B 137 9.33 -6.11 9.41
CA ASP B 137 8.13 -5.77 10.21
C ASP B 137 8.22 -4.33 10.72
N ILE B 138 9.42 -3.87 11.05
CA ILE B 138 9.65 -2.61 11.80
C ILE B 138 10.11 -1.53 10.82
N ASN B 139 11.04 -1.88 9.94
CA ASN B 139 11.79 -0.89 9.13
C ASN B 139 10.80 -0.62 7.98
N THR B 140 10.32 -1.65 7.29
CA THR B 140 9.51 -1.42 6.08
C THR B 140 7.97 -1.56 6.20
N VAL B 141 7.44 -2.52 6.95
CA VAL B 141 5.98 -2.55 7.18
C VAL B 141 5.53 -1.43 8.14
N GLY B 142 6.22 -1.29 9.26
CA GLY B 142 5.91 -0.27 10.28
C GLY B 142 5.64 1.10 9.65
N PRO B 143 6.52 1.59 8.75
CA PRO B 143 6.30 2.87 8.07
C PRO B 143 4.97 2.93 7.31
N PHE B 144 4.52 1.77 6.81
CA PHE B 144 3.15 1.59 6.28
C PHE B 144 2.14 2.01 7.35
N ARG B 145 2.19 1.34 8.50
CA ARG B 145 1.28 1.59 9.64
C ARG B 145 1.31 3.05 10.11
N ILE B 146 2.45 3.76 10.16
CA ILE B 146 2.42 5.17 10.68
C ILE B 146 1.81 6.03 9.57
N MET B 147 2.11 5.75 8.30
CA MET B 147 1.43 6.44 7.15
C MET B 147 -0.07 6.14 7.12
N SER B 148 -0.49 4.87 7.24
CA SER B 148 -1.92 4.48 7.27
C SER B 148 -2.62 5.42 8.24
N PHE B 149 -2.12 5.40 9.48
CA PHE B 149 -2.57 6.21 10.64
C PHE B 149 -2.48 7.68 10.30
N ALA B 150 -1.43 8.13 9.62
CA ALA B 150 -1.20 9.57 9.37
C ALA B 150 -2.36 10.09 8.52
N GLN B 151 -2.99 9.21 7.77
CA GLN B 151 -3.93 9.65 6.71
C GLN B 151 -5.25 9.98 7.40
N ARG B 152 -5.52 9.36 8.53
CA ARG B 152 -6.75 9.60 9.32
C ARG B 152 -6.54 10.85 10.19
N PHE B 153 -5.37 11.48 10.18
CA PHE B 153 -5.11 12.70 10.99
C PHE B 153 -5.95 13.84 10.41
N ARG B 154 -6.12 14.91 11.18
CA ARG B 154 -7.02 16.06 10.91
C ARG B 154 -6.20 17.12 10.19
N ARG B 155 -5.12 17.55 10.84
CA ARG B 155 -4.37 18.77 10.49
C ARG B 155 -2.88 18.44 10.50
N LEU B 156 -2.52 17.19 10.20
CA LEU B 156 -1.11 16.82 9.95
C LEU B 156 -0.60 17.69 8.81
N LYS B 157 0.52 18.39 9.04
CA LYS B 157 1.05 19.46 8.17
C LYS B 157 2.32 18.96 7.51
N LEU B 158 2.97 17.97 8.13
CA LEU B 158 4.29 17.42 7.72
C LEU B 158 4.53 16.08 8.39
N PHE B 159 4.99 15.10 7.64
CA PHE B 159 5.45 13.78 8.15
C PHE B 159 6.92 13.63 7.85
N LEU B 160 7.69 13.47 8.91
CA LEU B 160 9.17 13.46 8.82
C LEU B 160 9.63 12.04 9.07
N GLN B 161 10.57 11.61 8.25
CA GLN B 161 10.98 10.20 8.21
C GLN B 161 12.49 10.21 8.28
N VAL B 162 13.02 9.56 9.30
CA VAL B 162 14.47 9.48 9.55
C VAL B 162 14.90 8.13 9.03
N SER B 163 15.46 8.07 7.82
CA SER B 163 16.19 6.87 7.33
C SER B 163 17.67 7.24 7.40
N THR B 164 18.58 6.36 6.99
CA THR B 164 20.03 6.62 6.79
C THR B 164 20.35 7.19 5.40
N ALA B 165 21.61 7.47 5.17
CA ALA B 165 22.17 7.71 3.81
C ALA B 165 22.63 6.38 3.24
N TYR B 166 22.84 5.36 4.08
CA TYR B 166 23.36 4.02 3.64
C TYR B 166 22.19 3.31 2.98
N VAL B 167 21.03 3.96 3.08
CA VAL B 167 19.86 3.71 2.20
C VAL B 167 20.33 3.69 0.75
N ASN B 168 21.21 4.62 0.33
CA ASN B 168 21.80 4.76 -1.03
C ASN B 168 22.57 3.52 -1.49
N GLY B 169 22.97 2.62 -0.57
CA GLY B 169 23.37 1.23 -0.90
C GLY B 169 24.70 1.14 -1.64
N GLN B 170 24.77 0.30 -2.68
CA GLN B 170 26.03 -0.05 -3.38
C GLN B 170 26.38 1.06 -4.36
N ARG B 171 25.51 2.05 -4.52
CA ARG B 171 25.82 3.27 -5.33
C ARG B 171 27.25 3.70 -4.97
N GLN B 172 28.12 3.83 -5.95
CA GLN B 172 29.52 4.10 -5.67
C GLN B 172 30.29 5.38 -5.49
N GLY B 173 30.11 6.33 -6.37
CA GLY B 173 30.86 7.55 -6.24
C GLY B 173 29.87 8.65 -6.39
N VAL B 174 29.92 9.59 -5.46
CA VAL B 174 29.07 10.81 -5.39
C VAL B 174 27.59 10.91 -5.44
N VAL B 175 26.90 9.94 -4.88
CA VAL B 175 25.43 9.97 -4.86
C VAL B 175 24.72 11.22 -4.50
N LEU B 176 23.74 11.57 -5.31
CA LEU B 176 22.94 12.80 -5.10
C LEU B 176 21.68 12.49 -4.27
N GLU B 177 21.10 13.57 -3.75
CA GLU B 177 19.93 13.47 -2.87
C GLU B 177 18.77 13.22 -3.84
N LYS B 178 18.35 11.97 -3.96
CA LYS B 178 17.22 11.64 -4.85
C LYS B 178 16.47 10.46 -4.21
N PRO B 179 15.11 10.49 -4.21
CA PRO B 179 14.30 9.54 -3.47
C PRO B 179 14.23 8.13 -4.06
N PHE B 180 13.56 7.21 -3.37
CA PHE B 180 13.29 5.86 -3.91
C PHE B 180 11.80 5.74 -4.13
N ARG B 181 11.46 5.04 -5.21
CA ARG B 181 10.09 4.75 -5.66
C ARG B 181 9.91 3.24 -5.57
N LEU B 182 8.70 2.79 -5.28
CA LEU B 182 8.39 1.42 -4.79
C LEU B 182 9.00 0.30 -5.67
N GLY B 183 9.69 0.59 -6.76
CA GLY B 183 10.15 -0.49 -7.66
C GLY B 183 11.66 -0.71 -7.59
N ASP B 184 12.40 0.39 -7.40
CA ASP B 184 13.87 0.59 -7.55
C ASP B 184 14.69 -0.55 -6.93
N THR B 185 15.78 -0.91 -7.61
CA THR B 185 16.90 -1.76 -7.13
C THR B 185 18.23 -1.07 -7.46
N ILE B 186 19.38 -1.74 -7.33
CA ILE B 186 20.64 -1.20 -7.92
C ILE B 186 21.09 -2.08 -9.12
N ALA B 187 20.87 -1.54 -10.33
CA ALA B 187 20.89 -2.21 -11.65
C ALA B 187 22.13 -1.73 -12.41
N THR B 201 14.93 -7.91 -12.31
CA THR B 201 15.61 -6.79 -11.67
C THR B 201 14.62 -5.73 -11.25
N MET B 202 13.58 -6.17 -10.56
CA MET B 202 12.56 -5.28 -10.06
C MET B 202 12.34 -5.65 -8.61
N LEU B 203 11.90 -4.70 -7.81
CA LEU B 203 11.72 -5.00 -6.41
C LEU B 203 10.29 -5.33 -6.03
N ASP B 204 9.98 -6.61 -6.00
CA ASP B 204 8.60 -7.03 -5.60
C ASP B 204 8.47 -7.05 -4.06
N ILE B 205 8.17 -5.88 -3.48
CA ILE B 205 7.81 -5.70 -2.02
C ILE B 205 6.95 -6.86 -1.60
N GLU B 206 5.97 -7.21 -2.44
CA GLU B 206 5.07 -8.37 -2.25
C GLU B 206 5.94 -9.60 -2.01
N ALA B 207 6.86 -9.91 -2.91
CA ALA B 207 7.57 -11.21 -2.86
C ALA B 207 8.47 -11.22 -1.64
N GLU B 208 9.12 -10.08 -1.36
CA GLU B 208 9.97 -9.85 -0.15
C GLU B 208 9.14 -10.09 1.11
N ILE B 209 7.89 -9.67 1.09
CA ILE B 209 7.02 -9.79 2.29
C ILE B 209 6.77 -11.27 2.55
N LYS B 210 6.43 -12.05 1.54
CA LYS B 210 6.06 -13.46 1.83
C LYS B 210 7.36 -14.21 2.10
N LEU B 211 8.49 -13.69 1.61
CA LEU B 211 9.80 -14.34 1.86
C LEU B 211 10.07 -14.29 3.35
N ALA B 212 9.88 -13.10 3.92
CA ALA B 212 10.12 -12.72 5.34
C ALA B 212 9.08 -13.39 6.26
N PHE B 213 7.80 -13.08 6.08
CA PHE B 213 6.70 -13.53 6.97
C PHE B 213 5.65 -14.65 6.83
N ASP B 214 5.46 -15.15 5.60
CA ASP B 214 4.37 -16.03 5.07
C ASP B 214 5.02 -17.37 5.50
N HIS B 215 4.94 -17.69 6.81
CA HIS B 215 5.68 -18.82 7.44
C HIS B 215 4.69 -19.80 8.09
N ARG B 216 4.99 -21.09 7.98
CA ARG B 216 4.44 -22.13 8.88
C ARG B 216 5.18 -21.98 10.22
N ARG B 217 6.38 -21.44 10.15
CA ARG B 217 7.22 -21.28 11.32
C ARG B 217 7.17 -19.89 11.85
N HIS B 218 6.10 -19.55 12.55
CA HIS B 218 5.92 -18.21 13.12
C HIS B 218 6.33 -18.36 14.58
N GLY B 219 5.78 -19.37 15.24
CA GLY B 219 6.08 -19.64 16.63
C GLY B 219 7.20 -20.64 16.85
N ASP B 220 8.11 -20.80 15.88
CA ASP B 220 9.25 -21.69 16.08
C ASP B 220 10.58 -21.07 16.41
N ASP B 221 10.86 -20.82 17.68
CA ASP B 221 12.14 -20.14 18.00
C ASP B 221 13.43 -20.87 18.38
N SER B 222 14.10 -21.46 17.39
CA SER B 222 15.48 -22.00 17.52
C SER B 222 16.35 -20.86 16.99
N ALA B 223 17.66 -21.07 16.84
CA ALA B 223 18.50 -20.38 15.85
C ALA B 223 18.46 -20.98 14.44
N SER B 224 18.49 -22.31 14.33
CA SER B 224 18.32 -23.06 13.06
C SER B 224 17.16 -22.47 12.26
N PHE B 225 16.26 -21.73 12.91
CA PHE B 225 15.24 -20.89 12.23
C PHE B 225 15.63 -19.40 12.29
N SER B 226 16.01 -18.90 13.46
CA SER B 226 16.41 -17.48 13.60
C SER B 226 17.65 -17.21 12.73
N GLU B 227 18.36 -18.27 12.31
CA GLU B 227 19.58 -18.16 11.48
C GLU B 227 19.15 -18.09 10.03
N GLU B 228 18.39 -19.08 9.56
CA GLU B 228 17.76 -19.03 8.21
C GLU B 228 17.43 -17.56 7.91
N MET B 229 16.70 -16.96 8.83
CA MET B 229 16.11 -15.61 8.68
C MET B 229 17.19 -14.53 8.71
N LYS B 230 18.35 -14.71 9.33
CA LYS B 230 19.36 -13.62 9.31
C LYS B 230 20.04 -13.66 7.94
N GLU B 231 20.28 -14.88 7.43
CA GLU B 231 21.02 -15.11 6.16
C GLU B 231 20.07 -14.79 5.03
N LEU B 232 18.86 -15.36 5.07
CA LEU B 232 17.78 -15.11 4.07
C LEU B 232 17.64 -13.60 3.85
N GLY B 233 17.63 -12.82 4.93
CA GLY B 233 17.78 -11.35 4.89
C GLY B 233 18.98 -10.94 4.06
N LEU B 234 20.20 -11.30 4.47
CA LEU B 234 21.43 -10.80 3.80
C LEU B 234 21.33 -11.10 2.30
N GLU B 235 20.85 -12.30 1.93
CA GLU B 235 20.75 -12.74 0.51
C GLU B 235 20.05 -11.63 -0.28
N ARG B 236 18.76 -11.44 0.03
CA ARG B 236 17.89 -10.38 -0.53
C ARG B 236 18.62 -9.03 -0.59
N ALA B 237 19.03 -8.46 0.52
CA ALA B 237 19.76 -7.19 0.46
C ALA B 237 20.81 -7.26 -0.68
N LYS B 238 21.66 -8.27 -0.71
CA LYS B 238 22.79 -8.29 -1.68
C LYS B 238 22.40 -8.70 -3.09
N LEU B 239 21.34 -9.51 -3.17
CA LEU B 239 20.49 -9.78 -4.37
C LEU B 239 19.97 -8.52 -5.08
N HIS B 240 19.79 -7.36 -4.45
CA HIS B 240 19.17 -6.18 -5.10
C HIS B 240 20.07 -4.92 -5.14
N GLY B 241 21.11 -4.85 -4.29
CA GLY B 241 22.10 -3.75 -4.36
C GLY B 241 22.41 -3.11 -3.01
N TRP B 242 21.94 -3.73 -1.93
CA TRP B 242 22.03 -3.21 -0.56
C TRP B 242 23.05 -4.11 0.14
N GLN B 243 23.91 -3.52 0.96
CA GLN B 243 24.97 -4.23 1.72
C GLN B 243 24.30 -5.26 2.64
N ASP B 244 23.42 -4.81 3.54
CA ASP B 244 22.89 -5.62 4.68
C ASP B 244 21.38 -5.41 4.91
N THR B 245 20.76 -6.38 5.59
CA THR B 245 19.31 -6.48 5.89
C THR B 245 18.75 -5.18 6.50
N TYR B 246 19.55 -4.35 7.21
CA TYR B 246 19.05 -3.04 7.74
C TYR B 246 18.93 -2.04 6.60
N VAL B 247 20.03 -1.70 5.91
CA VAL B 247 19.96 -0.63 4.87
C VAL B 247 18.87 -1.01 3.85
N PHE B 248 18.66 -2.31 3.63
CA PHE B 248 17.64 -2.86 2.68
C PHE B 248 16.25 -2.42 3.11
N THR B 249 15.76 -2.98 4.22
CA THR B 249 14.44 -2.67 4.83
C THR B 249 14.34 -1.14 4.99
N LYS B 250 15.40 -0.53 5.48
CA LYS B 250 15.39 0.92 5.74
C LYS B 250 15.02 1.62 4.42
N ALA B 251 15.45 1.06 3.29
CA ALA B 251 15.24 1.68 1.97
C ALA B 251 13.85 1.35 1.46
N MET B 252 13.51 0.06 1.34
CA MET B 252 12.11 -0.39 1.13
C MET B 252 11.14 0.50 1.95
N GLY B 253 11.45 0.84 3.21
CA GLY B 253 10.54 1.69 4.00
C GLY B 253 10.36 3.05 3.35
N GLU B 254 11.45 3.66 2.90
CA GLU B 254 11.39 4.94 2.13
C GLU B 254 10.39 4.78 0.97
N MET B 255 10.39 3.60 0.36
CA MET B 255 9.58 3.25 -0.83
C MET B 255 8.11 3.24 -0.45
N VAL B 256 7.80 2.49 0.60
CA VAL B 256 6.45 2.44 1.22
C VAL B 256 6.00 3.87 1.52
N ILE B 257 6.83 4.67 2.19
CA ILE B 257 6.39 6.04 2.56
C ILE B 257 6.11 6.82 1.27
N ASN B 258 6.93 6.63 0.23
CA ASN B 258 6.73 7.41 -1.03
C ASN B 258 5.38 7.01 -1.66
N SER B 259 5.02 5.73 -1.59
CA SER B 259 3.83 5.20 -2.31
C SER B 259 2.57 5.69 -1.61
N MET B 260 2.62 5.81 -0.28
CA MET B 260 1.47 5.89 0.64
C MET B 260 1.23 7.33 1.12
N ARG B 261 2.12 8.25 0.85
CA ARG B 261 1.90 9.62 1.26
C ARG B 261 0.92 10.24 0.32
N GLY B 262 -0.14 10.82 0.82
CA GLY B 262 -1.11 11.40 -0.08
C GLY B 262 -0.74 12.81 -0.47
N ASP B 263 -1.42 13.75 0.15
CA ASP B 263 -1.15 15.14 -0.10
C ASP B 263 -0.24 15.46 1.03
N ILE B 264 -0.11 14.51 1.93
CA ILE B 264 0.76 14.68 3.14
C ILE B 264 2.14 14.99 2.61
N PRO B 265 2.72 16.14 3.04
CA PRO B 265 4.09 16.48 2.74
C PRO B 265 5.00 15.57 3.57
N VAL B 266 6.11 15.20 2.96
CA VAL B 266 7.18 14.39 3.59
C VAL B 266 8.48 15.17 3.48
N VAL B 267 9.24 15.11 4.56
CA VAL B 267 10.72 15.24 4.55
C VAL B 267 11.25 13.84 4.79
N THR B 268 12.20 13.45 3.96
CA THR B 268 13.13 12.35 4.27
C THR B 268 14.45 12.97 4.68
N ILE B 269 14.93 12.63 5.86
CA ILE B 269 16.27 13.00 6.36
C ILE B 269 17.13 11.74 6.42
N ARG B 270 18.37 11.86 5.92
CA ARG B 270 19.27 10.73 5.56
C ARG B 270 20.62 10.89 6.24
N PRO B 271 20.71 10.79 7.59
CA PRO B 271 21.95 11.06 8.29
C PRO B 271 22.94 10.03 7.80
N SER B 272 24.20 10.44 7.67
CA SER B 272 25.36 9.52 7.59
C SER B 272 25.54 9.13 9.05
N VAL B 273 26.54 8.31 9.41
CA VAL B 273 26.76 7.91 10.83
C VAL B 273 26.70 8.98 11.93
N ILE B 274 25.82 8.76 12.89
CA ILE B 274 25.57 9.71 13.96
C ILE B 274 26.42 9.41 15.15
N GLU B 275 27.13 10.41 15.64
CA GLU B 275 28.00 10.21 16.77
C GLU B 275 27.55 11.42 17.57
N SER B 276 28.23 11.66 18.69
CA SER B 276 28.04 12.84 19.55
C SER B 276 27.89 14.31 19.22
N THR B 277 27.20 14.98 20.11
CA THR B 277 26.91 16.38 20.01
C THR B 277 28.12 17.27 19.92
N TRP B 278 28.23 17.98 18.83
CA TRP B 278 29.31 18.89 18.64
C TRP B 278 28.74 20.15 19.16
N ARG B 279 28.99 20.44 20.43
CA ARG B 279 28.56 21.69 21.08
C ARG B 279 27.09 22.10 20.88
N ASP B 280 26.10 21.28 21.23
CA ASP B 280 24.69 21.67 20.98
C ASP B 280 24.13 22.04 22.33
N PRO B 281 23.64 21.05 23.09
CA PRO B 281 23.22 21.43 24.43
C PRO B 281 24.53 21.62 25.17
N PHE B 282 25.44 20.67 24.95
CA PHE B 282 26.79 20.66 25.45
C PHE B 282 27.48 19.55 24.67
N PRO B 283 28.76 19.72 24.37
CA PRO B 283 29.41 18.68 23.59
C PRO B 283 29.57 17.40 24.38
N GLY B 284 29.47 16.27 23.74
CA GLY B 284 29.68 15.01 24.42
C GLY B 284 28.49 14.11 24.62
N TRP B 285 27.31 14.62 24.41
CA TRP B 285 26.10 13.78 24.63
C TRP B 285 26.25 12.69 23.58
N MET B 286 25.90 11.46 23.91
CA MET B 286 26.01 10.35 22.99
C MET B 286 25.44 9.17 23.72
N GLU B 287 24.65 8.34 23.07
CA GLU B 287 24.02 7.26 23.78
C GLU B 287 24.18 5.80 23.44
N GLY B 288 24.46 5.48 22.19
CA GLY B 288 24.52 4.08 21.85
C GLY B 288 25.85 3.54 21.40
N ASN B 289 26.11 2.29 21.72
CA ASN B 289 27.36 1.65 21.31
C ASN B 289 27.04 0.81 20.11
N ARG B 290 27.14 1.44 18.97
CA ARG B 290 26.82 0.86 17.70
C ARG B 290 28.03 0.36 16.98
N MET B 291 27.88 0.24 15.67
CA MET B 291 28.96 -0.12 14.78
C MET B 291 30.40 0.33 14.97
N MET B 292 30.65 1.62 14.87
CA MET B 292 32.01 2.11 14.98
C MET B 292 32.55 2.16 16.37
N ASP B 293 31.72 2.51 17.31
CA ASP B 293 32.22 2.67 18.65
C ASP B 293 32.68 1.41 19.37
N PRO B 294 32.05 0.27 19.14
CA PRO B 294 32.55 -0.90 19.85
C PRO B 294 33.96 -1.25 19.41
N VAL B 295 34.45 -0.55 18.40
CA VAL B 295 35.84 -0.83 17.97
C VAL B 295 36.77 0.17 18.66
N VAL B 296 36.60 1.47 18.43
CA VAL B 296 37.17 2.57 19.27
C VAL B 296 37.21 2.16 20.76
N LEU B 297 36.42 1.17 21.13
CA LEU B 297 36.37 0.72 22.49
C LEU B 297 37.41 -0.34 22.59
N TYR B 298 37.41 -1.22 21.63
CA TYR B 298 38.37 -2.28 21.60
C TYR B 298 39.76 -1.68 21.53
N TYR B 299 39.99 -0.73 20.65
CA TYR B 299 41.30 -0.12 20.56
C TYR B 299 41.56 0.55 21.87
N GLY B 300 40.52 1.07 22.49
CA GLY B 300 40.65 1.75 23.76
C GLY B 300 41.25 0.82 24.78
N LYS B 301 40.75 -0.40 24.85
CA LYS B 301 41.26 -1.39 25.77
C LYS B 301 41.53 -2.76 25.18
N GLY B 302 42.79 -3.13 25.08
CA GLY B 302 43.10 -4.43 24.53
C GLY B 302 42.51 -4.76 23.19
N GLN B 303 41.92 -5.95 23.11
CA GLN B 303 41.30 -6.40 21.88
C GLN B 303 42.34 -6.19 20.81
N LEU B 304 41.99 -5.50 19.74
CA LEU B 304 43.00 -5.16 18.74
C LEU B 304 44.00 -4.03 18.58
N SER B 305 44.84 -4.15 17.55
CA SER B 305 45.89 -3.18 17.28
C SER B 305 45.77 -2.54 15.93
N GLY B 306 45.09 -3.22 15.03
CA GLY B 306 44.87 -2.72 13.68
C GLY B 306 43.56 -3.23 13.13
N PHE B 307 43.08 -2.61 12.06
CA PHE B 307 41.82 -3.01 11.46
C PHE B 307 41.91 -3.22 9.97
N LEU B 308 40.79 -3.61 9.38
CA LEU B 308 40.69 -3.91 7.93
C LEU B 308 39.92 -2.80 7.22
N ALA B 309 40.56 -1.98 6.38
CA ALA B 309 40.09 -0.61 6.02
C ALA B 309 41.03 0.07 5.02
N ASP B 310 40.48 0.59 3.93
CA ASP B 310 41.24 1.49 3.04
C ASP B 310 41.56 2.76 3.84
N PRO B 311 42.82 2.97 4.26
CA PRO B 311 43.21 4.21 4.92
C PRO B 311 43.02 5.52 4.13
N GLU B 312 42.74 5.45 2.83
CA GLU B 312 42.45 6.65 2.01
C GLU B 312 40.94 6.92 2.02
N GLY B 313 40.12 5.91 2.36
CA GLY B 313 38.65 5.92 2.42
C GLY B 313 38.07 6.86 3.49
N VAL B 314 36.78 7.24 3.33
CA VAL B 314 36.03 8.18 4.22
C VAL B 314 35.10 7.34 5.11
N LEU B 315 35.00 7.70 6.39
CA LEU B 315 33.81 7.42 7.25
C LEU B 315 32.93 8.67 7.24
N ASP B 316 31.68 8.53 6.80
CA ASP B 316 30.71 9.65 6.79
C ASP B 316 30.13 9.74 8.19
N VAL B 317 30.61 10.70 8.97
CA VAL B 317 30.18 10.87 10.38
C VAL B 317 29.51 12.24 10.43
N VAL B 318 28.36 12.31 11.11
CA VAL B 318 27.69 13.59 11.52
C VAL B 318 27.52 13.59 13.02
N PRO B 319 27.75 14.79 13.60
CA PRO B 319 27.36 15.09 14.98
C PRO B 319 25.83 15.11 15.11
N ALA B 320 25.32 14.32 16.07
CA ALA B 320 23.90 14.13 16.44
C ALA B 320 23.19 15.48 16.49
N ASP B 321 23.77 16.46 17.14
CA ASP B 321 23.08 17.77 17.26
C ASP B 321 22.87 18.38 15.87
N MET B 322 23.76 18.16 14.91
CA MET B 322 23.67 18.84 13.57
C MET B 322 22.56 18.14 12.75
N VAL B 323 22.39 16.83 12.90
CA VAL B 323 21.23 16.06 12.36
C VAL B 323 19.96 16.77 12.85
N VAL B 324 19.86 16.94 14.17
CA VAL B 324 18.65 17.43 14.90
C VAL B 324 18.35 18.84 14.45
N ASN B 325 19.34 19.61 14.03
CA ASN B 325 19.10 21.02 13.64
C ASN B 325 18.72 21.02 12.13
N ALA B 326 19.29 20.14 11.32
CA ALA B 326 18.82 19.89 9.93
C ALA B 326 17.33 19.58 10.00
N THR B 327 16.98 18.59 10.83
CA THR B 327 15.58 18.17 11.10
C THR B 327 14.76 19.44 11.33
N LEU B 328 15.08 20.21 12.37
CA LEU B 328 14.24 21.37 12.80
C LEU B 328 14.09 22.40 11.67
N ALA B 329 15.10 22.56 10.82
CA ALA B 329 15.08 23.56 9.73
C ALA B 329 14.03 23.14 8.70
N SER B 330 14.03 21.86 8.34
CA SER B 330 13.14 21.29 7.30
C SER B 330 11.70 21.33 7.81
N MET B 331 11.45 20.85 9.04
CA MET B 331 10.12 20.98 9.69
C MET B 331 9.56 22.37 9.34
N ALA B 332 10.34 23.41 9.56
CA ALA B 332 9.91 24.83 9.54
C ALA B 332 9.88 25.39 8.11
N LYS B 333 10.42 24.69 7.12
CA LYS B 333 10.37 25.15 5.72
C LYS B 333 9.22 24.43 4.99
N HIS B 334 9.06 23.13 5.25
CA HIS B 334 8.25 22.18 4.44
C HIS B 334 6.88 21.90 5.06
N GLY B 335 6.70 22.10 6.36
CA GLY B 335 5.45 21.87 7.10
C GLY B 335 4.76 23.17 7.44
N ARG B 336 5.28 24.25 6.85
CA ARG B 336 4.63 25.57 6.88
C ARG B 336 3.48 25.17 5.96
N GLY B 337 2.27 25.11 6.51
CA GLY B 337 1.19 24.30 5.95
C GLY B 337 0.45 25.14 4.93
N GLY B 338 1.14 25.57 3.86
CA GLY B 338 0.59 26.38 2.75
C GLY B 338 -0.85 26.21 2.26
N ALA B 339 -1.59 27.30 2.22
CA ALA B 339 -3.01 27.37 1.81
C ALA B 339 -3.26 27.03 0.33
N ALA B 340 -2.53 27.74 -0.53
CA ALA B 340 -2.48 27.61 -2.00
C ALA B 340 -1.30 26.72 -2.40
N ALA B 341 -0.60 26.21 -1.40
CA ALA B 341 0.41 25.14 -1.56
C ALA B 341 -0.29 23.81 -1.30
N ALA B 342 -1.32 23.82 -0.46
CA ALA B 342 -2.26 22.69 -0.23
C ALA B 342 -3.19 22.56 -1.45
N ALA B 343 -3.42 23.68 -2.14
CA ALA B 343 -4.30 23.77 -3.32
C ALA B 343 -3.52 23.38 -4.59
N ALA B 344 -2.22 23.57 -4.57
CA ALA B 344 -1.39 23.22 -5.72
C ALA B 344 -0.96 21.78 -5.62
N ALA B 345 -0.65 21.19 -6.76
CA ALA B 345 -0.24 19.80 -6.85
C ALA B 345 0.84 19.32 -5.89
N ALA B 346 0.75 18.06 -5.55
CA ALA B 346 1.67 17.40 -4.64
C ALA B 346 3.11 17.57 -5.02
N GLU B 347 3.96 17.74 -4.02
CA GLU B 347 5.38 17.92 -4.26
C GLU B 347 6.09 16.76 -3.60
N GLY B 348 7.26 16.41 -4.10
CA GLY B 348 7.98 15.31 -3.53
C GLY B 348 8.71 15.12 -2.23
N MET B 349 9.19 13.92 -1.98
CA MET B 349 9.92 13.63 -0.71
C MET B 349 11.06 14.61 -0.71
N HIS B 350 11.16 15.40 0.33
CA HIS B 350 12.31 16.30 0.48
C HIS B 350 13.37 15.37 1.04
N VAL B 351 14.44 15.12 0.30
CA VAL B 351 15.57 14.29 0.81
C VAL B 351 16.72 15.22 1.17
N TYR B 352 17.18 15.15 2.41
CA TYR B 352 18.37 15.89 2.87
C TYR B 352 19.42 14.84 3.30
N HIS B 353 20.65 15.13 2.90
CA HIS B 353 21.71 14.13 3.02
C HIS B 353 22.42 14.36 4.35
N VAL B 354 22.75 15.60 4.72
CA VAL B 354 23.23 15.92 6.11
C VAL B 354 24.41 14.97 6.50
N ALA B 355 25.60 15.27 5.94
CA ALA B 355 26.69 14.27 5.82
C ALA B 355 28.00 14.91 5.34
N SER B 356 29.10 14.29 5.80
CA SER B 356 30.51 14.78 5.78
C SER B 356 31.17 14.52 4.42
N SER B 357 30.80 13.41 3.77
CA SER B 357 31.58 12.71 2.72
C SER B 357 32.13 13.67 1.68
N THR B 358 31.34 14.65 1.24
CA THR B 358 31.63 15.43 0.00
C THR B 358 32.19 16.80 0.36
N VAL B 359 32.29 17.13 1.64
CA VAL B 359 32.52 18.52 2.15
C VAL B 359 33.07 18.34 3.56
N ASN B 360 34.38 18.46 3.73
CA ASN B 360 35.08 18.25 5.01
C ASN B 360 35.03 16.76 5.39
N PRO B 361 35.39 15.79 4.51
CA PRO B 361 35.39 14.37 4.87
C PRO B 361 36.33 14.06 6.02
N LEU B 362 36.25 12.83 6.55
CA LEU B 362 37.20 12.30 7.55
C LEU B 362 37.68 10.92 7.07
N ALA B 363 39.01 10.74 6.90
CA ALA B 363 39.62 9.52 6.31
C ALA B 363 39.50 8.38 7.33
N PHE B 364 39.87 7.14 7.01
CA PHE B 364 39.92 6.06 8.04
C PHE B 364 41.45 5.99 8.11
N GLY B 365 42.14 7.14 7.92
CA GLY B 365 43.58 7.33 8.17
C GLY B 365 43.95 8.59 8.91
N ASP B 366 42.97 9.43 9.23
CA ASP B 366 43.12 10.64 10.11
C ASP B 366 42.31 10.09 11.32
N LEU B 367 41.43 9.09 11.13
CA LEU B 367 40.56 8.52 12.21
C LEU B 367 41.45 7.66 13.13
N SER B 368 42.08 6.61 12.57
CA SER B 368 43.03 5.67 13.26
C SER B 368 44.18 6.43 13.94
N ARG B 369 44.53 7.62 13.44
CA ARG B 369 45.48 8.54 14.13
C ARG B 369 44.79 8.97 15.43
N PHE B 370 43.69 9.71 15.31
CA PHE B 370 42.99 10.41 16.43
C PHE B 370 42.63 9.40 17.53
N LEU B 371 42.39 8.14 17.17
CA LEU B 371 42.16 7.04 18.15
C LEU B 371 43.39 6.93 19.05
N PHE B 372 44.56 6.63 18.47
CA PHE B 372 45.90 6.58 19.13
C PHE B 372 46.05 7.79 20.05
N GLN B 373 46.04 9.01 19.49
CA GLN B 373 46.27 10.31 20.17
C GLN B 373 45.23 10.60 21.26
N HIS B 374 44.02 10.06 21.16
CA HIS B 374 43.01 10.17 22.24
C HIS B 374 43.46 9.27 23.39
N PHE B 375 43.71 7.98 23.12
CA PHE B 375 43.97 6.96 24.17
C PHE B 375 45.40 7.03 24.71
N THR B 376 46.31 7.68 24.00
CA THR B 376 47.63 7.84 24.52
C THR B 376 47.45 8.89 25.58
N GLY B 377 46.78 9.98 25.21
CA GLY B 377 46.59 11.06 26.09
C GLY B 377 45.78 10.63 27.38
N SER B 378 44.72 9.83 27.23
CA SER B 378 44.02 9.37 28.33
C SER B 378 43.83 7.91 28.01
N PRO B 379 44.58 7.09 28.71
CA PRO B 379 44.65 5.63 28.57
C PRO B 379 43.53 5.09 29.42
N TYR B 380 42.88 4.07 28.91
CA TYR B 380 41.73 3.49 29.66
C TYR B 380 42.44 2.90 30.88
N SER B 381 41.65 2.46 31.84
CA SER B 381 42.13 1.83 33.07
C SER B 381 41.60 0.43 32.84
N ASP B 382 42.26 -0.53 33.46
CA ASP B 382 41.98 -1.97 33.34
C ASP B 382 41.68 -1.59 34.78
N ALA B 383 41.07 -2.48 35.57
CA ALA B 383 40.66 -2.18 36.95
C ALA B 383 41.70 -1.59 37.91
N ALA B 384 42.95 -1.57 37.43
CA ALA B 384 44.16 -1.14 38.10
C ALA B 384 44.68 0.13 37.46
N GLY B 385 45.42 0.01 36.37
CA GLY B 385 46.00 1.19 35.75
C GLY B 385 46.81 1.33 34.49
N ARG B 386 46.37 2.28 33.68
CA ARG B 386 46.97 2.71 32.42
C ARG B 386 47.29 1.69 31.37
N PRO B 387 46.26 1.12 30.72
CA PRO B 387 46.58 0.17 29.66
C PRO B 387 46.93 0.95 28.41
N ILE B 388 48.19 1.34 28.27
CA ILE B 388 48.63 2.14 27.13
C ILE B 388 48.95 1.44 25.83
N HIS B 389 48.43 0.23 25.62
CA HIS B 389 48.67 -0.38 24.34
C HIS B 389 48.27 0.63 23.29
N VAL B 390 49.22 1.13 22.51
CA VAL B 390 48.93 2.15 21.54
C VAL B 390 49.68 1.58 20.31
N PRO B 391 49.01 0.88 19.40
CA PRO B 391 49.77 0.50 18.25
C PRO B 391 48.94 1.61 17.63
N PRO B 392 49.33 2.12 16.47
CA PRO B 392 48.71 3.29 15.86
C PRO B 392 47.83 2.10 15.44
N MET B 393 46.67 2.36 14.86
CA MET B 393 45.84 1.29 14.37
C MET B 393 46.35 0.90 13.01
N ARG B 394 47.14 -0.16 12.95
CA ARG B 394 47.65 -0.59 11.67
C ARG B 394 46.45 -0.98 10.82
N LEU B 395 46.25 -0.26 9.73
CA LEU B 395 45.15 -0.50 8.83
C LEU B 395 45.60 -1.40 7.69
N PHE B 396 44.67 -2.17 7.17
CA PHE B 396 44.95 -3.20 6.13
C PHE B 396 44.07 -3.04 4.87
N ASP B 397 44.70 -2.61 3.77
CA ASP B 397 44.17 -2.61 2.39
C ASP B 397 43.49 -3.93 1.99
N THR B 398 43.83 -5.07 2.63
CA THR B 398 43.26 -6.40 2.27
C THR B 398 43.07 -7.25 3.52
N MET B 399 42.32 -8.36 3.37
CA MET B 399 42.01 -9.35 4.43
C MET B 399 42.95 -10.54 4.29
N GLU B 400 43.82 -10.52 3.28
CA GLU B 400 44.94 -11.50 3.19
C GLU B 400 45.91 -11.14 4.32
N GLN B 401 46.12 -9.83 4.51
CA GLN B 401 47.13 -9.19 5.40
C GLN B 401 46.59 -9.05 6.84
N PHE B 402 45.31 -8.68 6.99
CA PHE B 402 44.56 -8.76 8.26
C PHE B 402 44.66 -10.20 8.81
N ALA B 403 44.20 -11.19 8.04
CA ALA B 403 44.17 -12.63 8.41
C ALA B 403 45.55 -13.09 8.89
N SER B 404 46.59 -12.52 8.29
CA SER B 404 47.96 -12.82 8.63
C SER B 404 48.42 -11.87 9.70
N TYR B 405 47.48 -11.28 10.38
CA TYR B 405 47.82 -10.45 11.52
C TYR B 405 47.49 -11.23 12.79
N VAL B 406 47.48 -12.55 12.64
CA VAL B 406 47.25 -13.52 13.68
C VAL B 406 48.50 -13.75 14.52
N GLU B 407 49.50 -12.98 14.13
CA GLU B 407 50.79 -12.94 14.74
C GLU B 407 50.81 -12.38 16.12
N THR B 408 49.64 -12.01 16.60
CA THR B 408 49.48 -11.50 17.95
C THR B 408 48.83 -12.39 18.99
N ASP B 409 48.20 -13.47 18.56
CA ASP B 409 47.66 -14.44 19.48
C ASP B 409 48.96 -14.96 20.05
N ALA B 410 49.79 -15.47 19.16
CA ALA B 410 51.09 -15.96 19.54
C ALA B 410 51.88 -14.85 20.21
N LEU B 411 52.14 -13.76 19.50
CA LEU B 411 52.99 -12.71 20.14
C LEU B 411 52.43 -12.22 21.49
N LEU B 412 51.13 -12.35 21.77
CA LEU B 412 50.54 -11.96 23.09
C LEU B 412 50.48 -13.20 24.00
N ARG B 413 50.68 -14.40 23.45
CA ARG B 413 50.72 -15.57 24.30
C ARG B 413 52.08 -15.46 24.97
N ALA B 414 52.55 -14.24 25.11
CA ALA B 414 53.83 -13.96 25.71
C ALA B 414 53.60 -13.58 27.14
N GLY B 415 52.82 -14.41 27.82
CA GLY B 415 52.53 -14.23 29.22
C GLY B 415 53.20 -15.42 29.83
N ARG B 416 54.49 -15.57 29.56
CA ARG B 416 55.30 -16.69 30.04
C ARG B 416 56.77 -16.42 29.82
N LEU B 417 57.64 -17.07 30.58
CA LEU B 417 59.08 -16.86 30.38
C LEU B 417 60.02 -18.03 30.64
N ALA B 418 59.48 -19.18 31.04
CA ALA B 418 60.30 -20.35 31.30
C ALA B 418 59.50 -21.64 31.19
N CYS B 437 43.83 -21.17 22.45
CA CYS B 437 44.99 -20.57 21.74
C CYS B 437 44.50 -19.49 20.77
N ALA B 438 44.16 -19.86 19.51
CA ALA B 438 43.88 -18.92 18.38
C ALA B 438 42.42 -19.01 17.90
N LYS B 439 41.49 -19.36 18.78
CA LYS B 439 40.04 -19.11 18.56
C LYS B 439 39.76 -17.69 19.09
N SER B 440 40.81 -16.94 19.42
CA SER B 440 40.77 -15.47 19.65
C SER B 440 40.81 -14.71 18.33
N VAL B 441 41.55 -15.24 17.35
CA VAL B 441 41.74 -14.57 16.04
C VAL B 441 40.50 -14.85 15.19
N GLU B 442 39.95 -16.08 15.26
CA GLU B 442 38.71 -16.46 14.55
C GLU B 442 37.68 -15.33 14.67
N GLN B 443 37.74 -14.57 15.77
CA GLN B 443 36.80 -13.45 16.12
C GLN B 443 37.24 -12.13 15.47
N THR B 444 38.46 -11.68 15.76
CA THR B 444 38.98 -10.35 15.33
C THR B 444 38.98 -10.30 13.79
N ILE B 445 38.90 -11.48 13.20
CA ILE B 445 38.84 -11.66 11.77
C ILE B 445 37.39 -11.59 11.37
N TYR B 446 36.52 -12.16 12.19
CA TYR B 446 35.10 -12.15 11.89
C TYR B 446 34.65 -10.72 11.84
N LEU B 447 35.03 -9.97 12.88
CA LEU B 447 34.76 -8.56 12.99
C LEU B 447 35.24 -7.89 11.74
N GLY B 448 36.50 -8.11 11.40
CA GLY B 448 37.14 -7.57 10.23
C GLY B 448 36.32 -7.57 8.97
N SER B 449 35.72 -8.71 8.63
CA SER B 449 34.90 -8.79 7.44
C SER B 449 33.52 -8.27 7.60
N ILE B 450 32.91 -8.68 8.69
CA ILE B 450 31.56 -8.08 8.91
C ILE B 450 31.60 -6.57 8.63
N TYR B 451 32.62 -5.81 9.06
CA TYR B 451 32.66 -4.32 8.89
C TYR B 451 33.34 -3.90 7.58
N GLN B 452 33.71 -4.87 6.77
CA GLN B 452 34.41 -4.57 5.54
C GLN B 452 33.66 -3.61 4.68
N PRO B 453 32.45 -3.98 4.31
CA PRO B 453 31.55 -3.26 3.43
C PRO B 453 31.48 -1.78 3.71
N TYR B 454 31.32 -1.40 4.96
CA TYR B 454 31.23 -0.01 5.29
C TYR B 454 32.60 0.60 5.46
N THR B 455 33.60 -0.24 5.63
CA THR B 455 34.95 0.25 5.78
C THR B 455 35.54 0.52 4.40
N PHE B 456 34.99 -0.13 3.40
CA PHE B 456 35.45 0.06 2.03
C PHE B 456 34.32 0.64 1.18
N TYR B 457 33.46 1.41 1.81
CA TYR B 457 32.34 2.01 1.12
C TYR B 457 32.80 2.91 0.00
N GLY B 458 32.21 2.75 -1.17
CA GLY B 458 32.53 3.62 -2.33
C GLY B 458 31.71 4.92 -2.27
N GLY B 459 30.50 4.89 -1.74
CA GLY B 459 29.55 6.01 -1.91
C GLY B 459 30.03 7.26 -1.20
N ARG B 460 29.96 8.43 -1.83
CA ARG B 460 30.15 9.71 -1.09
C ARG B 460 28.89 10.57 -1.23
N PHE B 461 28.15 10.75 -0.12
CA PHE B 461 26.81 11.39 -0.07
C PHE B 461 26.89 12.90 -0.37
N ASP B 462 26.50 13.30 -1.61
CA ASP B 462 26.31 14.73 -2.01
C ASP B 462 25.38 15.37 -0.97
N ASN B 463 25.58 16.67 -0.74
CA ASN B 463 25.24 17.33 0.53
C ASN B 463 24.43 18.57 0.17
N GLY B 464 23.92 18.60 -1.06
CA GLY B 464 23.52 19.83 -1.78
C GLY B 464 22.28 20.56 -1.32
N ASN B 465 21.17 19.83 -1.23
CA ASN B 465 19.88 20.35 -0.69
C ASN B 465 20.17 20.82 0.72
N THR B 466 20.86 19.96 1.49
CA THR B 466 21.07 20.21 2.93
C THR B 466 21.86 21.53 3.03
N GLU B 467 22.72 21.82 2.06
CA GLU B 467 23.49 23.10 2.10
C GLU B 467 22.59 24.28 1.72
N ALA B 468 21.84 24.17 0.63
CA ALA B 468 20.84 25.17 0.18
C ALA B 468 19.94 25.58 1.36
N LEU B 469 19.60 24.62 2.24
CA LEU B 469 18.71 24.86 3.40
C LEU B 469 19.41 25.88 4.30
N ILE B 470 20.70 25.67 4.55
CA ILE B 470 21.55 26.55 5.41
C ILE B 470 21.60 27.96 4.82
N GLY B 471 21.90 28.07 3.55
CA GLY B 471 21.96 29.37 2.85
C GLY B 471 20.66 30.13 2.97
N GLU B 472 19.57 29.43 3.31
CA GLU B 472 18.21 30.00 3.41
C GLU B 472 17.99 30.64 4.80
N MET B 473 18.75 30.23 5.82
CA MET B 473 18.58 30.63 7.24
C MET B 473 19.08 32.08 7.45
N SER B 474 18.68 32.74 8.54
CA SER B 474 19.27 34.02 9.02
C SER B 474 20.60 33.74 9.71
N GLU B 475 21.51 34.71 9.72
CA GLU B 475 22.87 34.50 10.29
C GLU B 475 22.68 34.09 11.76
N GLU B 476 21.63 34.61 12.42
CA GLU B 476 21.39 34.35 13.85
C GLU B 476 20.64 33.03 14.02
N GLU B 477 19.97 32.53 12.97
CA GLU B 477 19.45 31.13 12.89
C GLU B 477 20.67 30.19 12.74
N LYS B 478 21.57 30.58 11.82
CA LYS B 478 22.82 29.86 11.48
C LYS B 478 23.70 29.79 12.74
N ALA B 479 23.39 30.64 13.72
CA ALA B 479 23.92 30.63 15.09
C ALA B 479 23.27 29.50 15.91
N ARG B 480 22.02 29.66 16.34
CA ARG B 480 21.31 28.76 17.31
C ARG B 480 21.24 27.31 16.78
N PHE B 481 20.95 27.11 15.49
CA PHE B 481 20.62 25.77 14.93
C PHE B 481 21.60 26.05 13.84
N HIS B 482 22.79 25.45 13.90
CA HIS B 482 23.69 25.47 12.81
C HIS B 482 24.03 23.93 12.52
N PHE B 483 23.74 23.43 11.31
CA PHE B 483 24.01 22.14 10.90
C PHE B 483 25.06 22.19 9.65
N ASP B 484 25.95 23.18 9.70
CA ASP B 484 27.11 23.27 8.76
C ASP B 484 28.06 22.11 9.08
N VAL B 485 27.99 21.02 8.30
CA VAL B 485 28.90 19.84 8.46
C VAL B 485 30.34 20.33 8.50
N ARG B 486 30.62 21.44 7.81
CA ARG B 486 31.98 21.89 7.43
C ARG B 486 32.73 22.39 8.66
N SER B 487 32.05 23.08 9.56
CA SER B 487 32.67 23.75 10.74
C SER B 487 33.31 22.74 11.71
N ILE B 488 33.37 21.43 11.39
CA ILE B 488 33.90 20.35 12.29
C ILE B 488 35.41 20.22 12.06
N GLU B 489 36.22 20.32 13.13
CA GLU B 489 37.68 20.01 13.08
C GLU B 489 37.88 18.60 13.62
N TRP B 490 37.94 17.62 12.72
CA TRP B 490 37.92 16.19 13.06
C TRP B 490 38.96 15.89 14.14
N THR B 491 40.18 16.38 13.86
CA THR B 491 41.39 16.52 14.72
C THR B 491 40.95 16.59 16.18
N ASP B 492 40.05 17.55 16.46
CA ASP B 492 39.49 17.93 17.79
C ASP B 492 38.21 17.19 18.23
N TYR B 493 37.18 17.15 17.38
CA TYR B 493 35.81 16.69 17.74
C TYR B 493 35.92 15.16 18.03
N ILE B 494 36.79 14.41 17.34
CA ILE B 494 36.94 12.93 17.60
C ILE B 494 37.63 12.71 18.95
N THR B 495 38.72 13.44 19.20
CA THR B 495 39.72 13.13 20.26
C THR B 495 39.26 13.62 21.63
N ASN B 496 38.68 14.83 21.67
CA ASN B 496 38.31 15.60 22.89
C ASN B 496 36.81 15.48 23.18
N VAL B 497 35.99 15.41 22.14
CA VAL B 497 34.51 15.49 22.29
C VAL B 497 33.70 14.20 22.08
N HIS B 498 34.06 13.37 21.09
CA HIS B 498 33.19 12.22 20.73
C HIS B 498 33.68 11.11 21.70
N ILE B 499 34.90 10.58 21.53
CA ILE B 499 35.33 9.34 22.24
C ILE B 499 35.18 9.58 23.74
N PRO B 500 35.39 10.82 24.26
CA PRO B 500 35.20 11.10 25.69
C PRO B 500 33.75 10.98 26.16
N GLY B 501 32.85 11.67 25.45
CA GLY B 501 31.38 11.55 25.55
C GLY B 501 30.91 10.10 25.37
N LEU B 502 31.50 9.39 24.38
CA LEU B 502 31.24 7.95 24.15
C LEU B 502 31.59 7.20 25.43
N ARG B 503 32.80 7.45 25.93
CA ARG B 503 33.43 6.68 27.01
C ARG B 503 32.59 6.85 28.28
N LYS B 504 32.09 8.09 28.47
CA LYS B 504 31.24 8.48 29.62
C LYS B 504 29.90 7.74 29.58
N HIS B 505 29.17 7.75 28.44
CA HIS B 505 27.88 7.02 28.31
C HIS B 505 28.12 5.53 28.66
N VAL B 506 29.07 4.87 28.01
CA VAL B 506 29.31 3.41 28.21
C VAL B 506 29.76 3.17 29.66
N MET B 507 30.21 4.21 30.37
CA MET B 507 30.73 4.09 31.77
C MET B 507 29.52 3.41 32.45
N LYS B 508 29.72 2.19 32.98
CA LYS B 508 28.90 1.51 34.05
C LYS B 508 29.98 0.61 34.69
#